data_2QUI
#
_entry.id   2QUI
#
_cell.length_a   79.7
_cell.length_b   79.7
_cell.length_c   383.2
_cell.angle_alpha   90.0
_cell.angle_beta   90.0
_cell.angle_gamma   90.0
#
_symmetry.space_group_name_H-M   'P 4 2 2'
#
loop_
_entity.id
_entity.type
_entity.pdbx_description
1 polymer 'Tryptophanyl-tRNA synthetase'
2 non-polymer 'MAGNESIUM ION'
3 non-polymer L-TRYPTOPHANAMIDE
4 non-polymer "ADENOSINE-5'-TRIPHOSPHATE"
5 water water
#
_entity_poly.entity_id   1
_entity_poly.type   'polypeptide(L)'
_entity_poly.pdbx_seq_one_letter_code
;MPNSEPASLLELFNSIATQGELVRSLKAGNASKDEIDSAVKMLVSLKMSYKAAAGEDYKADCPPGNPAPTSNHGPDATEA
EEDFVDPWTVQTSSAKGIDYDKLIVRFGSSKIDKELINRIERATGQRPHHFLRRGIFFSHRDMNQVLDAYENKKPFYLYT
GRGPSSEAMHVGHLIPFIFTKWLQDVFNVPLVIQMTDDEKYLWKDLTLDQAYSYAVENAKDIIACGFDINKTFIFSDLDY
MGMSSGFYKNVVKIQKHVTFNQVKGIFGFTDSDCIGKISFPAIQAAPSFSNSFPQIFRDRTDIQCLIPCAIDQDPYFRMT
RDVAPRIGYPKPALLHSTFFPALQGAQTKMSASDPNSSIFLTDTAKQIKTKVNKHAFSGGRDTIEEHRQFGGNCDVDVSF
MYLTFFLEDDDKLEQIRKDYTSGAMLTGELKKALIEVLQPLIAEHQARRKEVTDEIVKEFMTPRKLSFDFQHHHHHH
;
_entity_poly.pdbx_strand_id   A,B
#
loop_
_chem_comp.id
_chem_comp.type
_chem_comp.name
_chem_comp.formula
ATP non-polymer ADENOSINE-5'-TRIPHOSPHATE 'C10 H16 N5 O13 P3'
LTN non-polymer L-TRYPTOPHANAMIDE 'C11 H13 N3 O'
MG non-polymer 'MAGNESIUM ION' 'Mg 2'
#
# COMPACT_ATOMS: atom_id res chain seq x y z
N GLU A 82 0.74 30.21 17.50
CA GLU A 82 1.91 30.18 18.36
C GLU A 82 2.12 28.74 18.87
N ASP A 83 1.15 27.89 18.57
CA ASP A 83 1.21 26.49 18.99
C ASP A 83 1.19 25.57 17.77
N PHE A 84 2.26 25.60 16.98
CA PHE A 84 2.34 24.76 15.80
C PHE A 84 2.57 23.31 16.18
N VAL A 85 1.69 22.44 15.70
CA VAL A 85 1.78 21.01 15.99
C VAL A 85 1.35 20.18 14.79
N ASP A 86 2.03 19.05 14.59
CA ASP A 86 1.74 18.14 13.48
C ASP A 86 2.38 16.75 13.70
N PRO A 87 2.04 15.77 12.85
CA PRO A 87 2.55 14.39 12.90
C PRO A 87 4.02 14.12 13.22
N TRP A 88 4.90 15.09 12.97
CA TRP A 88 6.32 14.88 13.24
C TRP A 88 6.97 15.95 14.12
N THR A 89 6.90 17.20 13.67
CA THR A 89 7.47 18.34 14.40
C THR A 89 6.50 18.86 15.47
N VAL A 90 7.06 19.46 16.53
CA VAL A 90 6.26 20.01 17.62
C VAL A 90 6.91 21.25 18.21
N GLN A 91 6.36 22.41 17.88
CA GLN A 91 6.90 23.67 18.36
C GLN A 91 5.90 24.47 19.20
N THR A 92 6.44 25.32 20.07
CA THR A 92 5.65 26.19 20.95
C THR A 92 6.61 27.19 21.57
N SER A 93 6.11 28.36 21.95
CA SER A 93 6.99 29.36 22.53
C SER A 93 6.50 29.98 23.84
N SER A 94 6.52 29.17 24.90
CA SER A 94 6.13 29.60 26.23
C SER A 94 6.59 28.52 27.21
N ALA A 95 7.37 28.94 28.20
CA ALA A 95 7.91 28.05 29.21
C ALA A 95 6.87 27.14 29.89
N LYS A 96 5.62 27.58 29.89
CA LYS A 96 4.55 26.80 30.51
C LYS A 96 4.10 25.65 29.64
N GLY A 97 4.71 25.53 28.47
CA GLY A 97 4.34 24.47 27.54
C GLY A 97 3.46 25.10 26.47
N ILE A 98 2.75 24.28 25.71
CA ILE A 98 1.90 24.84 24.68
C ILE A 98 0.51 25.10 25.25
N ASP A 99 -0.24 25.99 24.59
CA ASP A 99 -1.59 26.31 25.01
C ASP A 99 -2.49 25.23 24.43
N TYR A 100 -2.74 24.20 25.23
CA TYR A 100 -3.56 23.09 24.78
C TYR A 100 -5.04 23.45 24.65
N ASP A 101 -5.47 24.51 25.33
CA ASP A 101 -6.85 24.94 25.21
C ASP A 101 -7.06 25.60 23.85
N LYS A 102 -6.04 26.27 23.36
CA LYS A 102 -6.11 26.92 22.05
C LYS A 102 -5.95 25.87 20.98
N LEU A 103 -5.17 24.84 21.28
CA LEU A 103 -4.94 23.75 20.33
C LEU A 103 -6.24 22.98 20.09
N ILE A 104 -7.01 22.75 21.16
CA ILE A 104 -8.27 22.05 21.04
C ILE A 104 -9.14 22.75 20.01
N VAL A 105 -9.31 24.05 20.20
CA VAL A 105 -10.10 24.88 19.29
C VAL A 105 -9.61 24.73 17.85
N ARG A 106 -8.31 24.92 17.66
CA ARG A 106 -7.71 24.82 16.33
C ARG A 106 -7.90 23.44 15.68
N PHE A 107 -7.93 22.41 16.51
CA PHE A 107 -8.10 21.04 16.01
C PHE A 107 -9.58 20.64 15.86
N GLY A 108 -10.45 21.35 16.56
CA GLY A 108 -11.87 21.05 16.47
C GLY A 108 -12.30 19.92 17.39
N SER A 109 -11.39 19.50 18.26
CA SER A 109 -11.70 18.43 19.20
C SER A 109 -12.38 19.06 20.40
N SER A 110 -12.71 18.25 21.40
CA SER A 110 -13.35 18.75 22.59
C SER A 110 -12.50 18.47 23.81
N LYS A 111 -12.54 19.40 24.76
CA LYS A 111 -11.78 19.26 26.00
C LYS A 111 -12.34 18.18 26.92
N ILE A 112 -11.45 17.52 27.63
CA ILE A 112 -11.83 16.50 28.58
C ILE A 112 -12.13 17.25 29.87
N ASP A 113 -13.42 17.43 30.16
CA ASP A 113 -13.85 18.15 31.34
C ASP A 113 -14.16 17.27 32.54
N LYS A 114 -14.42 17.93 33.66
CA LYS A 114 -14.72 17.25 34.91
C LYS A 114 -15.92 16.33 34.73
N GLU A 115 -16.87 16.77 33.93
CA GLU A 115 -18.07 15.98 33.70
C GLU A 115 -17.71 14.65 33.04
N LEU A 116 -16.88 14.70 32.01
CA LEU A 116 -16.46 13.49 31.30
C LEU A 116 -15.60 12.61 32.20
N ILE A 117 -14.75 13.24 33.00
CA ILE A 117 -13.89 12.48 33.89
C ILE A 117 -14.72 11.76 34.93
N ASN A 118 -15.82 12.38 35.36
CA ASN A 118 -16.68 11.74 36.34
C ASN A 118 -17.50 10.63 35.69
N ARG A 119 -17.89 10.82 34.44
CA ARG A 119 -18.66 9.78 33.78
C ARG A 119 -17.81 8.54 33.60
N ILE A 120 -16.52 8.73 33.33
CA ILE A 120 -15.63 7.60 33.15
C ILE A 120 -15.50 6.85 34.47
N GLU A 121 -15.44 7.61 35.57
CA GLU A 121 -15.34 6.97 36.89
C GLU A 121 -16.61 6.17 37.15
N ARG A 122 -17.76 6.77 36.86
CA ARG A 122 -19.05 6.12 37.06
C ARG A 122 -19.16 4.83 36.23
N ALA A 123 -18.93 4.95 34.93
CA ALA A 123 -19.02 3.82 34.03
C ALA A 123 -18.15 2.62 34.45
N THR A 124 -16.94 2.92 34.91
CA THR A 124 -15.99 1.90 35.31
C THR A 124 -15.96 1.55 36.79
N GLY A 125 -16.44 2.45 37.63
CA GLY A 125 -16.41 2.19 39.06
C GLY A 125 -15.00 2.37 39.62
N GLN A 126 -14.09 2.84 38.76
CA GLN A 126 -12.69 3.07 39.14
C GLN A 126 -12.28 4.53 39.18
N ARG A 127 -11.34 4.86 40.07
CA ARG A 127 -10.86 6.24 40.13
C ARG A 127 -10.06 6.46 38.85
N PRO A 128 -10.35 7.56 38.14
CA PRO A 128 -9.63 7.85 36.90
C PRO A 128 -8.13 7.97 37.09
N HIS A 129 -7.39 7.45 36.12
CA HIS A 129 -5.92 7.47 36.10
C HIS A 129 -5.42 8.93 36.31
N HIS A 130 -4.25 9.10 36.92
CA HIS A 130 -3.77 10.47 37.13
C HIS A 130 -3.57 11.28 35.85
N PHE A 131 -3.33 10.61 34.73
CA PHE A 131 -3.16 11.33 33.47
C PHE A 131 -4.42 12.16 33.16
N LEU A 132 -5.56 11.62 33.55
CA LEU A 132 -6.84 12.30 33.34
C LEU A 132 -7.09 13.33 34.45
N ARG A 133 -6.78 12.96 35.69
CA ARG A 133 -6.99 13.88 36.80
C ARG A 133 -6.16 15.14 36.62
N ARG A 134 -4.93 14.99 36.14
CA ARG A 134 -4.02 16.10 35.97
C ARG A 134 -4.01 16.75 34.59
N GLY A 135 -4.95 16.37 33.74
CA GLY A 135 -5.01 16.97 32.41
C GLY A 135 -3.91 16.61 31.42
N ILE A 136 -3.22 15.49 31.65
CA ILE A 136 -2.18 15.06 30.73
C ILE A 136 -2.90 14.55 29.48
N PHE A 137 -3.97 13.81 29.69
CA PHE A 137 -4.82 13.39 28.57
C PHE A 137 -5.94 14.40 28.78
N PHE A 138 -5.94 15.41 27.91
CA PHE A 138 -6.84 16.56 28.02
C PHE A 138 -7.88 16.74 26.93
N SER A 139 -7.73 16.03 25.82
CA SER A 139 -8.65 16.18 24.70
C SER A 139 -9.22 14.86 24.20
N HIS A 140 -10.32 14.92 23.46
CA HIS A 140 -10.94 13.70 22.96
C HIS A 140 -11.90 13.96 21.80
N ARG A 141 -12.34 12.86 21.20
CA ARG A 141 -13.30 12.88 20.11
C ARG A 141 -14.23 11.70 20.34
N ASP A 142 -15.52 11.98 20.48
CA ASP A 142 -16.55 10.94 20.69
C ASP A 142 -16.30 9.99 21.85
N MET A 143 -15.65 10.44 22.92
CA MET A 143 -15.44 9.54 24.06
C MET A 143 -16.81 9.20 24.63
N ASN A 144 -17.72 10.16 24.49
CA ASN A 144 -19.11 10.02 24.92
C ASN A 144 -19.67 8.73 24.31
N GLN A 145 -19.43 8.57 23.01
CA GLN A 145 -19.88 7.39 22.28
C GLN A 145 -19.28 6.12 22.84
N VAL A 146 -18.00 6.17 23.17
CA VAL A 146 -17.34 4.99 23.72
C VAL A 146 -18.00 4.62 25.04
N LEU A 147 -18.23 5.63 25.88
CA LEU A 147 -18.87 5.42 27.18
C LEU A 147 -20.28 4.88 27.00
N ASP A 148 -21.01 5.37 26.00
CA ASP A 148 -22.36 4.86 25.77
C ASP A 148 -22.25 3.36 25.50
N ALA A 149 -21.50 3.01 24.46
CA ALA A 149 -21.31 1.63 24.08
C ALA A 149 -20.89 0.74 25.25
N TYR A 150 -19.94 1.22 26.05
CA TYR A 150 -19.48 0.43 27.19
C TYR A 150 -20.54 0.27 28.28
N GLU A 151 -21.30 1.33 28.51
CA GLU A 151 -22.35 1.32 29.52
C GLU A 151 -23.45 0.34 29.13
N ASN A 152 -23.65 0.18 27.82
CA ASN A 152 -24.67 -0.71 27.29
C ASN A 152 -24.12 -2.07 26.90
N LYS A 153 -23.06 -2.50 27.59
CA LYS A 153 -22.45 -3.78 27.36
C LYS A 153 -22.10 -4.09 25.89
N LYS A 154 -21.93 -3.05 25.07
CA LYS A 154 -21.56 -3.25 23.67
C LYS A 154 -20.02 -3.18 23.57
N PRO A 155 -19.42 -3.97 22.66
CA PRO A 155 -17.97 -3.97 22.50
C PRO A 155 -17.29 -2.78 21.82
N PHE A 156 -16.02 -2.62 22.13
CA PHE A 156 -15.17 -1.59 21.53
C PHE A 156 -13.74 -2.09 21.72
N TYR A 157 -12.80 -1.58 20.93
CA TYR A 157 -11.42 -2.01 21.07
C TYR A 157 -10.48 -0.83 21.04
N LEU A 158 -9.29 -1.04 21.60
CA LEU A 158 -8.26 -0.02 21.66
C LEU A 158 -7.27 -0.13 20.52
N TYR A 159 -6.83 1.02 20.02
CA TYR A 159 -5.86 1.07 18.94
C TYR A 159 -4.90 2.23 19.08
N THR A 160 -3.61 1.89 19.15
CA THR A 160 -2.57 2.90 19.25
C THR A 160 -1.35 2.40 18.46
N GLY A 161 -0.32 3.22 18.32
CA GLY A 161 0.83 2.77 17.56
C GLY A 161 2.17 3.39 17.89
N ARG A 162 3.20 2.90 17.21
CA ARG A 162 4.57 3.34 17.41
C ARG A 162 5.38 3.41 16.11
N GLY A 163 6.05 4.54 15.89
CA GLY A 163 6.88 4.69 14.71
C GLY A 163 8.26 4.20 15.15
N PRO A 164 8.65 2.98 14.74
CA PRO A 164 9.96 2.44 15.14
C PRO A 164 11.14 3.02 14.37
N SER A 165 11.52 4.24 14.71
CA SER A 165 12.62 4.93 14.06
C SER A 165 13.98 4.37 14.46
N SER A 166 14.03 3.71 15.61
CA SER A 166 15.27 3.10 16.08
C SER A 166 15.02 2.28 17.34
N GLU A 167 16.04 1.57 17.80
CA GLU A 167 15.93 0.76 18.99
C GLU A 167 15.87 1.64 20.23
N ALA A 168 16.28 2.90 20.07
CA ALA A 168 16.28 3.85 21.16
C ALA A 168 14.95 4.56 21.37
N MET A 169 14.37 4.37 22.56
CA MET A 169 13.12 5.00 22.93
C MET A 169 13.34 5.78 24.22
N HIS A 170 12.66 6.91 24.36
CA HIS A 170 12.78 7.72 25.58
C HIS A 170 11.49 7.64 26.40
N VAL A 171 11.53 8.16 27.62
CA VAL A 171 10.36 8.09 28.49
C VAL A 171 9.13 8.77 27.90
N GLY A 172 9.36 9.75 27.03
CA GLY A 172 8.24 10.45 26.41
C GLY A 172 7.36 9.48 25.64
N HIS A 173 7.99 8.59 24.90
CA HIS A 173 7.26 7.60 24.11
C HIS A 173 6.31 6.74 24.95
N LEU A 174 6.67 6.48 26.20
CA LEU A 174 5.85 5.65 27.06
C LEU A 174 4.51 6.22 27.54
N ILE A 175 4.35 7.55 27.49
CA ILE A 175 3.12 8.16 27.97
C ILE A 175 1.84 7.50 27.44
N PRO A 176 1.62 7.55 26.12
CA PRO A 176 0.40 6.93 25.57
C PRO A 176 0.25 5.45 25.93
N PHE A 177 1.34 4.70 25.87
CA PHE A 177 1.29 3.27 26.19
C PHE A 177 0.93 2.99 27.64
N ILE A 178 1.43 3.81 28.56
CA ILE A 178 1.15 3.63 29.98
C ILE A 178 -0.34 3.83 30.19
N PHE A 179 -0.89 4.82 29.49
CA PHE A 179 -2.31 5.13 29.59
C PHE A 179 -3.18 4.06 28.92
N THR A 180 -2.75 3.60 27.75
CA THR A 180 -3.48 2.58 27.01
C THR A 180 -3.58 1.31 27.84
N LYS A 181 -2.50 1.00 28.57
CA LYS A 181 -2.49 -0.20 29.40
C LYS A 181 -3.54 -0.05 30.51
N TRP A 182 -3.68 1.15 31.06
CA TRP A 182 -4.68 1.39 32.10
C TRP A 182 -6.07 1.23 31.47
N LEU A 183 -6.25 1.82 30.28
CA LEU A 183 -7.51 1.72 29.55
C LEU A 183 -7.91 0.26 29.34
N GLN A 184 -6.96 -0.54 28.89
CA GLN A 184 -7.22 -1.95 28.65
C GLN A 184 -7.58 -2.69 29.93
N ASP A 185 -6.96 -2.34 31.05
CA ASP A 185 -7.30 -3.02 32.29
C ASP A 185 -8.65 -2.60 32.86
N VAL A 186 -8.93 -1.30 32.84
CA VAL A 186 -10.18 -0.78 33.39
C VAL A 186 -11.42 -1.14 32.56
N PHE A 187 -11.30 -1.13 31.24
CA PHE A 187 -12.43 -1.48 30.38
C PHE A 187 -12.39 -2.95 29.98
N ASN A 188 -11.21 -3.55 30.12
CA ASN A 188 -11.01 -4.95 29.80
C ASN A 188 -11.35 -5.27 28.34
N VAL A 189 -10.73 -4.53 27.41
CA VAL A 189 -10.98 -4.72 25.99
C VAL A 189 -9.71 -5.07 25.20
N PRO A 190 -9.89 -5.69 24.01
CA PRO A 190 -8.74 -6.07 23.17
C PRO A 190 -8.00 -4.84 22.67
N LEU A 191 -6.70 -4.98 22.48
CA LEU A 191 -5.86 -3.87 22.01
C LEU A 191 -5.04 -4.20 20.77
N VAL A 192 -5.02 -3.24 19.84
CA VAL A 192 -4.27 -3.38 18.60
C VAL A 192 -3.18 -2.29 18.57
N ILE A 193 -1.93 -2.73 18.44
CA ILE A 193 -0.79 -1.81 18.42
C ILE A 193 -0.01 -1.88 17.10
N GLN A 194 -0.11 -0.82 16.31
CA GLN A 194 0.56 -0.75 15.02
C GLN A 194 2.03 -0.29 15.08
N MET A 195 2.89 -1.08 14.47
CA MET A 195 4.32 -0.79 14.41
C MET A 195 4.59 -0.40 12.95
N THR A 196 4.62 0.90 12.68
CA THR A 196 4.83 1.39 11.32
C THR A 196 6.24 1.29 10.73
N ASP A 197 6.77 0.07 10.64
CA ASP A 197 8.10 -0.12 10.08
C ASP A 197 8.18 0.37 8.64
N ASP A 198 7.06 0.28 7.92
CA ASP A 198 7.04 0.75 6.53
C ASP A 198 7.14 2.27 6.52
N GLU A 199 6.42 2.92 7.44
CA GLU A 199 6.43 4.37 7.56
C GLU A 199 7.87 4.86 7.72
N LYS A 200 8.56 4.28 8.68
CA LYS A 200 9.92 4.67 8.95
C LYS A 200 10.88 4.35 7.81
N TYR A 201 10.55 3.32 7.03
CA TYR A 201 11.37 2.97 5.88
C TYR A 201 11.23 4.07 4.84
N LEU A 202 10.00 4.53 4.62
CA LEU A 202 9.75 5.59 3.64
C LEU A 202 10.36 6.93 4.02
N TRP A 203 10.32 7.26 5.30
CA TRP A 203 10.83 8.54 5.79
C TRP A 203 12.29 8.63 6.18
N LYS A 204 12.82 7.60 6.82
CA LYS A 204 14.21 7.63 7.24
C LYS A 204 15.13 6.83 6.33
N ASP A 205 16.43 7.00 6.52
CA ASP A 205 17.39 6.26 5.71
C ASP A 205 17.61 4.94 6.40
N LEU A 206 16.67 4.02 6.17
CA LEU A 206 16.72 2.71 6.77
C LEU A 206 16.58 1.59 5.76
N THR A 207 17.05 0.42 6.17
CA THR A 207 16.95 -0.77 5.36
C THR A 207 15.69 -1.45 5.87
N LEU A 208 15.06 -2.27 5.04
CA LEU A 208 13.84 -2.95 5.47
C LEU A 208 14.11 -3.80 6.71
N ASP A 209 15.25 -4.46 6.74
CA ASP A 209 15.60 -5.28 7.89
C ASP A 209 15.74 -4.42 9.14
N GLN A 210 16.38 -3.27 9.03
CA GLN A 210 16.54 -2.40 10.19
C GLN A 210 15.16 -1.99 10.72
N ALA A 211 14.39 -1.38 9.83
CA ALA A 211 13.04 -0.92 10.14
C ALA A 211 12.24 -2.01 10.85
N TYR A 212 12.17 -3.17 10.23
CA TYR A 212 11.45 -4.31 10.80
C TYR A 212 12.06 -4.69 12.14
N SER A 213 13.39 -4.66 12.21
CA SER A 213 14.09 -5.00 13.45
C SER A 213 13.73 -4.04 14.58
N TYR A 214 13.59 -2.76 14.24
CA TYR A 214 13.24 -1.77 15.25
C TYR A 214 11.82 -2.01 15.74
N ALA A 215 10.96 -2.46 14.85
CA ALA A 215 9.58 -2.72 15.24
C ALA A 215 9.57 -3.84 16.27
N VAL A 216 10.34 -4.89 16.01
CA VAL A 216 10.39 -6.03 16.91
C VAL A 216 11.06 -5.68 18.23
N GLU A 217 12.11 -4.86 18.17
CA GLU A 217 12.78 -4.48 19.40
C GLU A 217 11.92 -3.52 20.22
N ASN A 218 11.29 -2.56 19.55
CA ASN A 218 10.44 -1.60 20.26
C ASN A 218 9.25 -2.30 20.88
N ALA A 219 8.82 -3.39 20.24
CA ALA A 219 7.69 -4.18 20.71
C ALA A 219 8.00 -4.73 22.10
N LYS A 220 9.27 -5.06 22.33
CA LYS A 220 9.67 -5.58 23.63
C LYS A 220 9.46 -4.51 24.70
N ASP A 221 9.75 -3.25 24.36
CA ASP A 221 9.57 -2.16 25.30
C ASP A 221 8.10 -1.94 25.54
N ILE A 222 7.29 -2.13 24.50
CA ILE A 222 5.86 -1.96 24.64
C ILE A 222 5.31 -3.10 25.53
N ILE A 223 5.75 -4.33 25.28
CA ILE A 223 5.32 -5.47 26.09
C ILE A 223 5.74 -5.26 27.55
N ALA A 224 6.85 -4.56 27.76
CA ALA A 224 7.35 -4.30 29.10
C ALA A 224 6.39 -3.43 29.90
N CYS A 225 5.46 -2.76 29.21
CA CYS A 225 4.49 -1.92 29.88
C CYS A 225 3.38 -2.75 30.55
N GLY A 226 3.41 -4.06 30.34
CA GLY A 226 2.43 -4.93 30.98
C GLY A 226 1.17 -5.38 30.27
N PHE A 227 1.03 -5.07 28.99
CA PHE A 227 -0.15 -5.48 28.23
C PHE A 227 -0.40 -6.99 28.29
N ASP A 228 -1.67 -7.36 28.36
CA ASP A 228 -2.06 -8.76 28.45
C ASP A 228 -1.84 -9.49 27.13
N ILE A 229 -0.98 -10.50 27.17
CA ILE A 229 -0.65 -11.29 25.99
C ILE A 229 -1.90 -11.90 25.32
N ASN A 230 -2.98 -12.06 26.07
CA ASN A 230 -4.20 -12.63 25.53
C ASN A 230 -5.22 -11.59 25.08
N LYS A 231 -4.89 -10.32 25.22
CA LYS A 231 -5.81 -9.26 24.84
C LYS A 231 -5.18 -8.25 23.90
N THR A 232 -3.94 -8.48 23.49
CA THR A 232 -3.30 -7.52 22.61
C THR A 232 -2.44 -8.08 21.49
N PHE A 233 -2.62 -7.50 20.32
CA PHE A 233 -1.92 -7.89 19.11
C PHE A 233 -1.02 -6.73 18.67
N ILE A 234 0.29 -6.94 18.72
CA ILE A 234 1.24 -5.92 18.31
C ILE A 234 1.70 -6.37 16.93
N PHE A 235 1.50 -5.54 15.92
CA PHE A 235 1.87 -5.94 14.57
C PHE A 235 2.76 -5.01 13.78
N SER A 236 3.56 -5.63 12.91
CA SER A 236 4.47 -4.94 12.01
C SER A 236 3.67 -4.71 10.73
N ASP A 237 3.70 -3.49 10.20
CA ASP A 237 2.96 -3.22 8.97
C ASP A 237 3.50 -4.12 7.87
N LEU A 238 4.82 -4.11 7.70
CA LEU A 238 5.48 -4.91 6.68
C LEU A 238 5.08 -6.37 6.75
N ASP A 239 4.98 -6.91 7.95
CA ASP A 239 4.60 -8.30 8.16
C ASP A 239 3.11 -8.58 7.97
N TYR A 240 2.29 -7.84 8.70
CA TYR A 240 0.85 -8.05 8.68
C TYR A 240 0.14 -7.79 7.35
N MET A 241 0.63 -6.81 6.58
CA MET A 241 0.01 -6.49 5.30
C MET A 241 -0.13 -7.76 4.46
N GLY A 242 0.88 -8.62 4.52
CA GLY A 242 0.87 -9.84 3.73
C GLY A 242 0.26 -11.05 4.42
N MET A 243 -0.53 -10.83 5.46
CA MET A 243 -1.16 -11.96 6.13
C MET A 243 -2.48 -11.58 6.79
N SER A 244 -3.25 -10.78 6.06
CA SER A 244 -4.57 -10.34 6.50
C SER A 244 -5.51 -10.25 5.28
N SER A 245 -6.63 -10.94 5.39
CA SER A 245 -7.62 -10.93 4.31
C SER A 245 -8.42 -9.64 4.32
N GLY A 246 -8.14 -8.74 5.26
CA GLY A 246 -8.90 -7.50 5.32
C GLY A 246 -8.17 -6.17 5.48
N PHE A 247 -6.90 -6.21 5.89
CA PHE A 247 -6.15 -4.98 6.11
C PHE A 247 -5.94 -4.17 4.85
N TYR A 248 -5.21 -4.73 3.89
CA TYR A 248 -4.96 -4.05 2.64
C TYR A 248 -6.25 -3.61 1.96
N LYS A 249 -7.29 -4.44 2.03
CA LYS A 249 -8.56 -4.08 1.43
C LYS A 249 -9.05 -2.71 1.93
N ASN A 250 -8.99 -2.50 3.24
CA ASN A 250 -9.42 -1.21 3.81
C ASN A 250 -8.46 -0.11 3.37
N VAL A 251 -7.16 -0.43 3.35
CA VAL A 251 -6.18 0.54 2.93
C VAL A 251 -6.54 1.11 1.55
N VAL A 252 -6.95 0.24 0.65
CA VAL A 252 -7.35 0.68 -0.69
C VAL A 252 -8.62 1.51 -0.65
N LYS A 253 -9.63 1.05 0.07
CA LYS A 253 -10.88 1.81 0.17
C LYS A 253 -10.58 3.23 0.62
N ILE A 254 -9.73 3.34 1.63
CA ILE A 254 -9.37 4.63 2.16
C ILE A 254 -8.57 5.45 1.14
N GLN A 255 -7.67 4.79 0.44
CA GLN A 255 -6.83 5.46 -0.56
C GLN A 255 -7.67 6.12 -1.65
N LYS A 256 -8.82 5.53 -1.95
CA LYS A 256 -9.71 6.05 -2.97
C LYS A 256 -10.46 7.28 -2.47
N HIS A 257 -10.69 7.35 -1.17
CA HIS A 257 -11.44 8.45 -0.60
C HIS A 257 -10.62 9.57 0.04
N VAL A 258 -9.38 9.74 -0.42
CA VAL A 258 -8.51 10.78 0.09
C VAL A 258 -7.63 11.26 -1.07
N THR A 259 -7.67 12.55 -1.37
CA THR A 259 -6.87 13.09 -2.48
C THR A 259 -5.53 13.63 -2.04
N PHE A 260 -4.66 13.86 -3.01
CA PHE A 260 -3.34 14.39 -2.74
C PHE A 260 -3.46 15.79 -2.14
N ASN A 261 -4.41 16.58 -2.64
CA ASN A 261 -4.61 17.92 -2.10
C ASN A 261 -4.94 17.82 -0.62
N GLN A 262 -5.84 16.90 -0.28
CA GLN A 262 -6.22 16.70 1.10
C GLN A 262 -5.02 16.38 1.98
N VAL A 263 -4.16 15.47 1.53
CA VAL A 263 -3.00 15.10 2.32
C VAL A 263 -1.90 16.17 2.28
N LYS A 264 -1.92 17.03 1.27
CA LYS A 264 -0.91 18.08 1.18
C LYS A 264 -1.26 19.12 2.25
N GLY A 265 -2.55 19.34 2.45
CA GLY A 265 -2.98 20.29 3.44
C GLY A 265 -2.96 19.76 4.86
N ILE A 266 -3.25 18.47 5.02
CA ILE A 266 -3.25 17.88 6.35
C ILE A 266 -1.87 17.56 6.91
N PHE A 267 -0.95 17.06 6.07
CA PHE A 267 0.38 16.70 6.53
C PHE A 267 1.53 17.52 5.97
N GLY A 268 1.25 18.32 4.95
CA GLY A 268 2.30 19.14 4.36
C GLY A 268 3.18 18.44 3.33
N PHE A 269 2.62 17.50 2.58
CA PHE A 269 3.39 16.81 1.56
C PHE A 269 3.56 17.72 0.35
N THR A 270 4.56 17.41 -0.48
CA THR A 270 4.82 18.19 -1.68
C THR A 270 5.00 17.26 -2.86
N ASP A 271 5.12 17.83 -4.06
CA ASP A 271 5.32 17.08 -5.29
C ASP A 271 6.60 16.27 -5.27
N SER A 272 7.60 16.74 -4.54
CA SER A 272 8.89 16.06 -4.47
C SER A 272 8.96 14.85 -3.53
N ASP A 273 7.93 14.64 -2.71
CA ASP A 273 7.92 13.49 -1.80
C ASP A 273 7.64 12.20 -2.57
N CYS A 274 8.15 11.07 -2.07
CA CYS A 274 7.96 9.79 -2.72
C CYS A 274 6.49 9.40 -2.60
N ILE A 275 5.99 8.62 -3.56
CA ILE A 275 4.58 8.22 -3.54
C ILE A 275 4.18 7.41 -2.30
N GLY A 276 5.16 6.74 -1.69
CA GLY A 276 4.88 5.96 -0.50
C GLY A 276 4.39 6.86 0.63
N LYS A 277 5.06 7.99 0.82
CA LYS A 277 4.67 8.94 1.86
C LYS A 277 3.26 9.45 1.60
N ILE A 278 3.02 9.87 0.36
CA ILE A 278 1.73 10.40 -0.02
C ILE A 278 0.57 9.48 0.31
N SER A 279 0.73 8.18 0.10
CA SER A 279 -0.37 7.27 0.40
C SER A 279 -0.31 6.65 1.79
N PHE A 280 0.79 6.85 2.51
CA PHE A 280 0.91 6.25 3.84
C PHE A 280 -0.27 6.44 4.80
N PRO A 281 -0.75 7.68 4.98
CA PRO A 281 -1.87 7.94 5.90
C PRO A 281 -2.98 6.88 5.90
N ALA A 282 -3.24 6.28 4.74
CA ALA A 282 -4.27 5.24 4.63
C ALA A 282 -3.88 4.03 5.47
N ILE A 283 -2.57 3.76 5.55
CA ILE A 283 -2.08 2.63 6.33
C ILE A 283 -2.41 2.87 7.80
N GLN A 284 -2.04 4.04 8.30
CA GLN A 284 -2.29 4.37 9.70
C GLN A 284 -3.78 4.50 10.03
N ALA A 285 -4.59 4.84 9.02
CA ALA A 285 -6.02 5.00 9.22
C ALA A 285 -6.72 3.63 9.30
N ALA A 286 -6.20 2.69 8.52
CA ALA A 286 -6.75 1.33 8.42
C ALA A 286 -7.04 0.55 9.70
N PRO A 287 -6.15 0.60 10.70
CA PRO A 287 -6.46 -0.19 11.90
C PRO A 287 -7.63 0.31 12.75
N SER A 288 -8.26 1.39 12.28
CA SER A 288 -9.39 1.98 12.98
C SER A 288 -10.66 1.17 12.69
N PHE A 289 -10.58 0.30 11.71
CA PHE A 289 -11.74 -0.51 11.35
C PHE A 289 -11.56 -1.97 11.69
N SER A 290 -12.43 -2.47 12.56
CA SER A 290 -12.37 -3.83 13.02
C SER A 290 -12.13 -4.94 12.00
N ASN A 291 -12.70 -4.85 10.80
CA ASN A 291 -12.48 -5.94 9.86
C ASN A 291 -11.11 -5.97 9.21
N SER A 292 -10.19 -5.14 9.72
CA SER A 292 -8.81 -5.12 9.25
C SER A 292 -8.11 -6.27 9.94
N PHE A 293 -8.69 -6.73 11.05
CA PHE A 293 -8.13 -7.84 11.81
C PHE A 293 -9.14 -8.99 11.87
N PRO A 294 -9.35 -9.68 10.75
CA PRO A 294 -10.30 -10.79 10.69
C PRO A 294 -10.02 -11.87 11.72
N GLN A 295 -8.76 -12.13 12.03
CA GLN A 295 -8.41 -13.15 13.00
C GLN A 295 -8.78 -12.70 14.42
N ILE A 296 -9.29 -11.48 14.55
CA ILE A 296 -9.69 -10.96 15.85
C ILE A 296 -11.18 -10.67 15.91
N PHE A 297 -11.69 -9.98 14.90
CA PHE A 297 -13.11 -9.62 14.87
C PHE A 297 -13.96 -10.34 13.81
N ARG A 298 -13.34 -11.26 13.08
CA ARG A 298 -14.01 -12.05 12.06
C ARG A 298 -15.08 -11.31 11.26
N ASP A 299 -14.64 -10.58 10.25
CA ASP A 299 -15.54 -9.84 9.36
C ASP A 299 -16.50 -8.80 9.92
N ARG A 300 -16.62 -8.67 11.23
CA ARG A 300 -17.50 -7.66 11.81
C ARG A 300 -16.94 -6.27 11.52
N THR A 301 -17.81 -5.33 11.17
CA THR A 301 -17.37 -3.98 10.85
C THR A 301 -18.02 -2.96 11.78
N ASP A 302 -18.58 -3.42 12.88
CA ASP A 302 -19.29 -2.51 13.77
C ASP A 302 -18.65 -2.21 15.13
N ILE A 303 -17.55 -2.85 15.47
CA ILE A 303 -16.94 -2.59 16.77
C ILE A 303 -16.32 -1.20 16.90
N GLN A 304 -16.76 -0.46 17.92
CA GLN A 304 -16.27 0.89 18.22
C GLN A 304 -14.76 0.84 18.45
N CYS A 305 -14.06 1.82 17.90
CA CYS A 305 -12.62 1.87 18.10
C CYS A 305 -12.23 3.14 18.86
N LEU A 306 -11.39 2.97 19.88
CA LEU A 306 -10.90 4.10 20.68
C LEU A 306 -9.39 4.22 20.50
N ILE A 307 -8.95 5.38 20.03
CA ILE A 307 -7.54 5.60 19.79
C ILE A 307 -6.86 6.57 20.75
N PRO A 308 -6.11 6.03 21.74
CA PRO A 308 -5.43 6.94 22.65
C PRO A 308 -4.10 7.28 21.99
N CYS A 309 -3.79 8.57 21.86
CA CYS A 309 -2.55 8.99 21.21
C CYS A 309 -2.07 10.39 21.61
N ALA A 310 -0.84 10.71 21.24
CA ALA A 310 -0.30 12.02 21.53
C ALA A 310 -1.04 12.93 20.55
N ILE A 311 -1.38 14.12 21.03
CA ILE A 311 -2.12 15.09 20.23
C ILE A 311 -1.63 15.22 18.79
N ASP A 312 -0.32 15.15 18.57
CA ASP A 312 0.19 15.33 17.21
C ASP A 312 -0.17 14.22 16.21
N GLN A 313 -0.81 13.15 16.66
CA GLN A 313 -1.20 12.09 15.75
C GLN A 313 -2.61 12.34 15.22
N ASP A 314 -3.33 13.26 15.87
CA ASP A 314 -4.70 13.60 15.51
C ASP A 314 -4.99 13.83 14.02
N PRO A 315 -4.12 14.54 13.31
CA PRO A 315 -4.43 14.73 11.89
C PRO A 315 -4.65 13.46 11.07
N TYR A 316 -4.07 12.33 11.49
CA TYR A 316 -4.25 11.08 10.77
C TYR A 316 -5.69 10.58 10.98
N PHE A 317 -6.18 10.76 12.21
CA PHE A 317 -7.51 10.28 12.54
C PHE A 317 -8.61 11.30 12.31
N ARG A 318 -8.21 12.54 12.10
CA ARG A 318 -9.18 13.58 11.81
C ARG A 318 -9.58 13.18 10.38
N MET A 319 -8.58 12.74 9.62
CA MET A 319 -8.78 12.29 8.24
C MET A 319 -9.57 10.99 8.24
N THR A 320 -9.22 10.09 9.16
CA THR A 320 -9.88 8.80 9.26
C THR A 320 -11.37 8.97 9.57
N ARG A 321 -11.69 9.82 10.55
CA ARG A 321 -13.09 10.06 10.90
C ARG A 321 -13.86 10.61 9.71
N ASP A 322 -13.17 11.35 8.86
CA ASP A 322 -13.80 11.93 7.68
C ASP A 322 -14.22 10.91 6.63
N VAL A 323 -13.38 9.89 6.43
CA VAL A 323 -13.67 8.86 5.44
C VAL A 323 -14.53 7.70 5.95
N ALA A 324 -14.45 7.43 7.24
CA ALA A 324 -15.20 6.32 7.84
C ALA A 324 -16.62 6.18 7.29
N PRO A 325 -17.43 7.23 7.40
CA PRO A 325 -18.81 7.20 6.91
C PRO A 325 -18.90 6.97 5.40
N ARG A 326 -18.05 7.67 4.65
CA ARG A 326 -18.03 7.56 3.21
C ARG A 326 -17.75 6.13 2.77
N ILE A 327 -17.30 5.28 3.68
CA ILE A 327 -17.03 3.88 3.32
C ILE A 327 -17.76 2.88 4.20
N GLY A 328 -18.82 3.35 4.86
CA GLY A 328 -19.65 2.49 5.70
C GLY A 328 -19.12 1.99 7.01
N TYR A 329 -18.08 2.65 7.53
CA TYR A 329 -17.51 2.24 8.81
C TYR A 329 -17.72 3.33 9.86
N PRO A 330 -17.75 2.94 11.14
CA PRO A 330 -17.94 3.91 12.22
C PRO A 330 -16.69 4.77 12.42
N LYS A 331 -16.88 5.97 12.94
CA LYS A 331 -15.75 6.85 13.20
C LYS A 331 -15.07 6.37 14.46
N PRO A 332 -13.73 6.47 14.49
CA PRO A 332 -13.01 6.04 15.68
C PRO A 332 -13.00 7.19 16.67
N ALA A 333 -12.98 6.86 17.95
CA ALA A 333 -12.94 7.87 19.00
C ALA A 333 -11.47 8.18 19.31
N LEU A 334 -11.22 9.33 19.91
CA LEU A 334 -9.86 9.75 20.25
C LEU A 334 -9.66 10.24 21.67
N LEU A 335 -8.46 10.01 22.20
CA LEU A 335 -8.06 10.46 23.53
C LEU A 335 -6.65 11.00 23.32
N HIS A 336 -6.54 12.32 23.38
CA HIS A 336 -5.28 13.02 23.16
C HIS A 336 -4.51 13.32 24.43
N SER A 337 -3.18 13.20 24.33
CA SER A 337 -2.31 13.50 25.46
C SER A 337 -1.39 14.64 25.05
N THR A 338 -0.94 15.41 26.04
CA THR A 338 -0.03 16.51 25.81
C THR A 338 1.36 15.93 25.49
N PHE A 339 2.30 16.80 25.20
CA PHE A 339 3.67 16.35 24.90
C PHE A 339 4.47 16.22 26.18
N PHE A 340 5.33 15.21 26.24
CA PHE A 340 6.20 15.05 27.38
C PHE A 340 7.30 16.08 27.08
N PRO A 341 7.54 17.01 28.01
CA PRO A 341 8.54 18.08 27.87
C PRO A 341 9.98 17.68 27.60
N ALA A 342 10.65 18.50 26.79
CA ALA A 342 12.07 18.30 26.49
C ALA A 342 12.76 18.77 27.77
N LEU A 343 13.91 18.19 28.08
CA LEU A 343 14.64 18.59 29.27
C LEU A 343 14.84 20.09 29.45
N GLN A 344 15.10 20.82 28.37
CA GLN A 344 15.36 22.25 28.51
C GLN A 344 14.17 23.19 28.55
N GLY A 345 12.96 22.65 28.47
CA GLY A 345 11.81 23.51 28.52
C GLY A 345 10.61 22.96 27.79
N ALA A 346 9.44 23.20 28.35
CA ALA A 346 8.18 22.73 27.77
C ALA A 346 7.87 23.38 26.42
N GLN A 347 8.79 24.22 25.93
CA GLN A 347 8.59 24.87 24.63
C GLN A 347 8.68 23.82 23.53
N THR A 348 9.46 22.78 23.78
CA THR A 348 9.64 21.68 22.83
C THR A 348 9.30 20.37 23.53
N LYS A 349 8.94 19.37 22.75
CA LYS A 349 8.63 18.07 23.32
C LYS A 349 9.94 17.30 23.32
N MET A 350 10.03 16.29 24.17
CA MET A 350 11.23 15.49 24.21
C MET A 350 11.34 14.79 22.86
N SER A 351 12.51 14.80 22.24
CA SER A 351 12.67 14.13 20.96
C SER A 351 14.06 13.56 20.77
N ALA A 352 14.11 12.30 20.36
CA ALA A 352 15.39 11.61 20.13
C ALA A 352 16.23 12.42 19.15
N SER A 353 15.56 13.22 18.31
CA SER A 353 16.24 14.07 17.32
C SER A 353 17.05 15.09 18.09
N ASP A 354 17.24 14.81 19.38
CA ASP A 354 17.97 15.68 20.26
C ASP A 354 18.15 14.93 21.58
N PRO A 355 19.05 13.94 21.61
CA PRO A 355 19.35 13.12 22.79
C PRO A 355 19.61 13.88 24.10
N ASN A 356 20.09 15.11 23.98
CA ASN A 356 20.35 15.96 25.14
C ASN A 356 19.03 16.44 25.74
N SER A 357 17.96 16.33 24.96
CA SER A 357 16.64 16.74 25.42
C SER A 357 15.85 15.57 25.99
N SER A 358 16.35 14.35 25.83
CA SER A 358 15.62 13.19 26.32
C SER A 358 16.33 12.25 27.26
N ILE A 359 15.52 11.49 28.00
CA ILE A 359 15.98 10.48 28.95
C ILE A 359 15.60 9.17 28.25
N PHE A 360 16.59 8.36 27.91
CA PHE A 360 16.33 7.11 27.21
C PHE A 360 16.05 5.94 28.13
N LEU A 361 15.28 4.99 27.62
CA LEU A 361 14.94 3.80 28.40
C LEU A 361 16.14 2.92 28.68
N THR A 362 17.25 3.17 27.98
CA THR A 362 18.46 2.40 28.19
C THR A 362 19.52 3.20 28.98
N ASP A 363 19.17 4.43 29.35
CA ASP A 363 20.09 5.28 30.12
C ASP A 363 20.36 4.64 31.47
N THR A 364 21.60 4.78 31.93
CA THR A 364 22.00 4.23 33.22
C THR A 364 21.49 5.11 34.34
N ALA A 365 21.46 4.58 35.55
CA ALA A 365 21.01 5.34 36.70
C ALA A 365 21.82 6.64 36.73
N LYS A 366 23.11 6.50 36.44
CA LYS A 366 24.05 7.60 36.44
C LYS A 366 23.69 8.69 35.43
N GLN A 367 23.42 8.29 34.19
CA GLN A 367 23.07 9.23 33.15
C GLN A 367 21.75 9.97 33.42
N ILE A 368 20.82 9.29 34.10
CA ILE A 368 19.54 9.89 34.42
C ILE A 368 19.79 11.06 35.38
N LYS A 369 20.50 10.76 36.45
CA LYS A 369 20.84 11.77 37.45
C LYS A 369 21.52 12.97 36.79
N THR A 370 22.52 12.68 35.96
CA THR A 370 23.27 13.72 35.27
C THR A 370 22.42 14.57 34.33
N LYS A 371 21.55 13.93 33.56
CA LYS A 371 20.70 14.66 32.64
C LYS A 371 19.72 15.57 33.38
N VAL A 372 19.18 15.07 34.48
CA VAL A 372 18.23 15.84 35.29
C VAL A 372 18.93 17.01 35.97
N ASN A 373 20.04 16.72 36.63
CA ASN A 373 20.77 17.77 37.33
C ASN A 373 21.31 18.86 36.42
N LYS A 374 21.86 18.46 35.28
CA LYS A 374 22.45 19.42 34.35
C LYS A 374 21.53 20.02 33.30
N HIS A 375 20.57 19.26 32.81
CA HIS A 375 19.71 19.77 31.76
C HIS A 375 18.26 20.11 32.04
N ALA A 376 17.71 19.60 33.14
CA ALA A 376 16.32 19.90 33.47
C ALA A 376 16.16 21.39 33.78
N PHE A 377 15.39 22.08 32.94
CA PHE A 377 15.14 23.49 33.13
C PHE A 377 14.51 23.73 34.50
N SER A 378 14.98 24.76 35.20
CA SER A 378 14.48 25.07 36.53
C SER A 378 13.57 26.30 36.61
N GLY A 379 12.48 26.17 37.35
CA GLY A 379 11.56 27.27 37.50
C GLY A 379 11.88 27.97 38.81
N GLY A 380 12.92 27.48 39.47
CA GLY A 380 13.34 28.06 40.73
C GLY A 380 14.19 29.30 40.50
N ARG A 381 14.56 29.97 41.59
CA ARG A 381 15.38 31.18 41.51
C ARG A 381 16.87 30.85 41.30
N ASP A 382 17.61 31.84 40.80
CA ASP A 382 19.03 31.70 40.50
C ASP A 382 19.95 31.37 41.66
N THR A 383 19.71 31.96 42.83
CA THR A 383 20.52 31.67 44.01
C THR A 383 19.61 31.05 45.04
N ILE A 384 20.15 30.20 45.90
CA ILE A 384 19.31 29.57 46.90
C ILE A 384 18.69 30.61 47.85
N GLU A 385 19.41 31.71 48.11
CA GLU A 385 18.88 32.76 48.97
C GLU A 385 17.59 33.32 48.37
N GLU A 386 17.63 33.61 47.07
CA GLU A 386 16.47 34.14 46.39
C GLU A 386 15.36 33.10 46.34
N HIS A 387 15.75 31.84 46.25
CA HIS A 387 14.74 30.80 46.19
C HIS A 387 14.00 30.73 47.53
N ARG A 388 14.75 30.81 48.63
CA ARG A 388 14.14 30.76 49.94
C ARG A 388 13.22 31.97 50.11
N GLN A 389 13.66 33.12 49.62
CA GLN A 389 12.88 34.33 49.76
C GLN A 389 11.64 34.41 48.88
N PHE A 390 11.79 34.12 47.59
CA PHE A 390 10.65 34.23 46.69
C PHE A 390 9.97 32.93 46.28
N GLY A 391 10.68 31.80 46.42
CA GLY A 391 10.10 30.53 46.04
C GLY A 391 10.16 30.27 44.55
N GLY A 392 9.96 29.01 44.15
CA GLY A 392 10.02 28.65 42.74
C GLY A 392 8.71 28.61 41.97
N ASN A 393 8.81 28.55 40.65
CA ASN A 393 7.65 28.52 39.77
C ASN A 393 7.46 27.13 39.14
N CYS A 394 6.48 26.39 39.65
CA CYS A 394 6.18 25.06 39.16
C CYS A 394 5.68 25.02 37.72
N ASP A 395 5.08 26.11 37.25
CA ASP A 395 4.55 26.15 35.90
C ASP A 395 5.55 26.04 34.78
N VAL A 396 6.81 26.35 35.06
CA VAL A 396 7.82 26.29 34.01
C VAL A 396 8.96 25.35 34.39
N ASP A 397 8.86 24.75 35.56
CA ASP A 397 9.91 23.85 36.02
C ASP A 397 9.69 22.45 35.43
N VAL A 398 10.62 22.04 34.57
CA VAL A 398 10.56 20.76 33.89
C VAL A 398 10.58 19.55 34.82
N SER A 399 11.31 19.66 35.92
CA SER A 399 11.38 18.57 36.88
C SER A 399 10.02 18.35 37.56
N PHE A 400 9.33 19.44 37.88
CA PHE A 400 8.03 19.29 38.50
C PHE A 400 7.08 18.70 37.47
N MET A 401 7.19 19.18 36.24
CA MET A 401 6.33 18.67 35.16
C MET A 401 6.46 17.15 35.05
N TYR A 402 7.68 16.65 35.17
CA TYR A 402 7.91 15.22 35.08
C TYR A 402 7.24 14.48 36.22
N LEU A 403 7.28 15.07 37.42
CA LEU A 403 6.66 14.43 38.58
C LEU A 403 5.15 14.31 38.31
N THR A 404 4.62 15.30 37.60
CA THR A 404 3.22 15.31 37.25
C THR A 404 2.84 14.07 36.45
N PHE A 405 3.78 13.55 35.66
CA PHE A 405 3.53 12.37 34.84
C PHE A 405 3.82 11.07 35.57
N PHE A 406 4.85 11.09 36.40
CA PHE A 406 5.27 9.87 37.06
C PHE A 406 5.02 9.67 38.53
N LEU A 407 4.74 10.75 39.27
CA LEU A 407 4.48 10.62 40.70
C LEU A 407 2.99 10.34 40.85
N GLU A 408 2.65 9.12 41.24
CA GLU A 408 1.25 8.74 41.36
C GLU A 408 0.54 9.29 42.58
N ASP A 409 1.22 9.30 43.72
CA ASP A 409 0.65 9.81 44.96
C ASP A 409 0.25 11.28 44.78
N ASP A 410 -1.06 11.57 44.83
CA ASP A 410 -1.54 12.93 44.67
C ASP A 410 -1.14 13.88 45.79
N ASP A 411 -1.10 13.38 47.02
CA ASP A 411 -0.73 14.23 48.15
C ASP A 411 0.76 14.56 48.09
N LYS A 412 1.58 13.54 47.86
CA LYS A 412 3.02 13.75 47.76
C LYS A 412 3.36 14.84 46.74
N LEU A 413 2.70 14.80 45.59
CA LEU A 413 2.93 15.79 44.53
C LEU A 413 2.56 17.17 45.00
N GLU A 414 1.37 17.28 45.61
CA GLU A 414 0.86 18.54 46.11
C GLU A 414 1.80 19.17 47.14
N GLN A 415 2.33 18.37 48.05
CA GLN A 415 3.24 18.88 49.06
C GLN A 415 4.43 19.51 48.35
N ILE A 416 5.03 18.75 47.45
CA ILE A 416 6.18 19.23 46.69
C ILE A 416 5.86 20.54 45.97
N ARG A 417 4.66 20.63 45.39
CA ARG A 417 4.29 21.86 44.72
C ARG A 417 4.33 23.00 45.73
N LYS A 418 3.63 22.82 46.85
CA LYS A 418 3.56 23.82 47.91
C LYS A 418 4.95 24.25 48.41
N ASP A 419 5.75 23.26 48.77
CA ASP A 419 7.11 23.49 49.28
C ASP A 419 8.05 24.15 48.27
N TYR A 420 7.92 23.78 47.01
CA TYR A 420 8.76 24.38 45.99
C TYR A 420 8.31 25.82 45.80
N THR A 421 7.00 26.03 45.72
CA THR A 421 6.45 27.36 45.53
C THR A 421 6.77 28.30 46.70
N SER A 422 6.86 27.75 47.91
CA SER A 422 7.16 28.58 49.08
C SER A 422 8.66 28.73 49.33
N GLY A 423 9.48 28.02 48.56
CA GLY A 423 10.93 28.10 48.75
C GLY A 423 11.39 27.12 49.81
N ALA A 424 10.44 26.39 50.40
CA ALA A 424 10.74 25.40 51.43
C ALA A 424 11.61 24.29 50.83
N MET A 425 11.50 24.12 49.52
CA MET A 425 12.27 23.12 48.80
C MET A 425 13.06 23.81 47.69
N LEU A 426 14.38 23.55 47.67
CA LEU A 426 15.28 24.13 46.67
C LEU A 426 15.20 23.29 45.40
N THR A 427 15.52 23.88 44.25
CA THR A 427 15.44 23.13 43.02
C THR A 427 16.33 21.89 43.08
N GLY A 428 17.46 22.00 43.76
CA GLY A 428 18.34 20.87 43.87
C GLY A 428 17.63 19.69 44.53
N GLU A 429 16.77 19.98 45.50
CA GLU A 429 16.01 18.95 46.21
C GLU A 429 14.89 18.41 45.34
N LEU A 430 14.24 19.31 44.60
CA LEU A 430 13.18 18.92 43.69
C LEU A 430 13.83 17.96 42.69
N LYS A 431 14.99 18.37 42.17
CA LYS A 431 15.76 17.58 41.22
C LYS A 431 16.01 16.18 41.81
N LYS A 432 16.51 16.15 43.04
CA LYS A 432 16.80 14.89 43.72
C LYS A 432 15.54 14.04 43.78
N ALA A 433 14.42 14.68 44.12
CA ALA A 433 13.15 13.99 44.22
C ALA A 433 12.80 13.31 42.89
N LEU A 434 12.91 14.04 41.79
CA LEU A 434 12.60 13.47 40.48
C LEU A 434 13.52 12.30 40.14
N ILE A 435 14.82 12.49 40.36
CA ILE A 435 15.78 11.45 40.07
C ILE A 435 15.43 10.18 40.83
N GLU A 436 14.96 10.33 42.07
CA GLU A 436 14.59 9.17 42.88
C GLU A 436 13.34 8.48 42.36
N VAL A 437 12.64 9.16 41.45
CA VAL A 437 11.44 8.60 40.84
C VAL A 437 11.76 7.95 39.50
N LEU A 438 12.50 8.65 38.65
CA LEU A 438 12.85 8.11 37.33
C LEU A 438 13.75 6.88 37.33
N GLN A 439 14.80 6.88 38.15
CA GLN A 439 15.72 5.74 38.18
C GLN A 439 15.00 4.41 38.44
N PRO A 440 14.15 4.36 39.47
CA PRO A 440 13.48 3.07 39.68
C PRO A 440 12.53 2.75 38.52
N LEU A 441 11.84 3.77 38.01
CA LEU A 441 10.92 3.60 36.91
C LEU A 441 11.62 3.00 35.68
N ILE A 442 12.75 3.57 35.33
CA ILE A 442 13.51 3.11 34.16
C ILE A 442 14.21 1.79 34.40
N ALA A 443 14.74 1.61 35.60
CA ALA A 443 15.43 0.38 35.94
C ALA A 443 14.42 -0.76 35.92
N GLU A 444 13.21 -0.48 36.40
CA GLU A 444 12.16 -1.49 36.42
C GLU A 444 11.73 -1.84 35.00
N HIS A 445 11.57 -0.82 34.17
CA HIS A 445 11.20 -1.06 32.79
C HIS A 445 12.25 -1.95 32.13
N GLN A 446 13.53 -1.65 32.37
CA GLN A 446 14.59 -2.44 31.77
C GLN A 446 14.50 -3.90 32.25
N ALA A 447 14.18 -4.08 33.53
CA ALA A 447 14.06 -5.42 34.10
C ALA A 447 12.94 -6.18 33.40
N ARG A 448 11.80 -5.51 33.20
CA ARG A 448 10.67 -6.12 32.52
C ARG A 448 11.03 -6.46 31.07
N ARG A 449 11.68 -5.53 30.40
CA ARG A 449 12.07 -5.72 29.00
C ARG A 449 12.95 -6.95 28.83
N LYS A 450 13.83 -7.19 29.80
CA LYS A 450 14.72 -8.32 29.72
C LYS A 450 13.94 -9.63 29.80
N GLU A 451 12.76 -9.58 30.41
CA GLU A 451 11.93 -10.78 30.57
C GLU A 451 11.18 -11.20 29.31
N VAL A 452 11.02 -10.31 28.35
CA VAL A 452 10.31 -10.70 27.14
C VAL A 452 11.24 -11.49 26.22
N THR A 453 11.00 -12.79 26.17
CA THR A 453 11.78 -13.71 25.37
C THR A 453 11.33 -13.70 23.91
N ASP A 454 12.14 -14.30 23.04
CA ASP A 454 11.81 -14.35 21.62
C ASP A 454 10.44 -14.98 21.41
N GLU A 455 10.17 -16.07 22.11
CA GLU A 455 8.89 -16.75 21.99
C GLU A 455 7.76 -15.79 22.39
N ILE A 456 7.97 -15.01 23.43
CA ILE A 456 6.95 -14.08 23.89
C ILE A 456 6.68 -12.97 22.86
N VAL A 457 7.73 -12.34 22.34
CA VAL A 457 7.52 -11.28 21.34
C VAL A 457 6.80 -11.86 20.14
N LYS A 458 7.20 -13.06 19.76
CA LYS A 458 6.60 -13.72 18.61
C LYS A 458 5.09 -13.88 18.79
N GLU A 459 4.67 -14.40 19.95
CA GLU A 459 3.26 -14.58 20.19
C GLU A 459 2.51 -13.26 20.08
N PHE A 460 3.00 -12.24 20.79
CA PHE A 460 2.36 -10.92 20.76
C PHE A 460 2.16 -10.43 19.33
N MET A 461 3.13 -10.76 18.47
CA MET A 461 3.09 -10.31 17.09
C MET A 461 2.47 -11.28 16.09
N THR A 462 1.79 -12.31 16.60
CA THR A 462 1.17 -13.27 15.71
C THR A 462 -0.32 -13.03 15.59
N PRO A 463 -0.80 -12.80 14.36
CA PRO A 463 -2.25 -12.57 14.24
C PRO A 463 -2.91 -13.80 14.86
N ARG A 464 -3.84 -13.58 15.76
CA ARG A 464 -4.48 -14.69 16.44
C ARG A 464 -5.75 -14.21 17.13
N LYS A 465 -6.54 -15.17 17.61
CA LYS A 465 -7.75 -14.82 18.32
C LYS A 465 -7.32 -14.37 19.73
N LEU A 466 -7.97 -13.34 20.24
CA LEU A 466 -7.66 -12.80 21.56
C LEU A 466 -8.80 -13.11 22.51
N SER A 467 -8.52 -13.86 23.58
CA SER A 467 -9.52 -14.24 24.58
C SER A 467 -10.65 -13.22 24.71
N PHE A 468 -11.58 -13.26 23.76
CA PHE A 468 -12.72 -12.36 23.69
C PHE A 468 -13.53 -12.77 22.46
N ASP A 469 -14.80 -13.13 22.67
CA ASP A 469 -15.67 -13.57 21.60
C ASP A 469 -16.52 -12.44 21.02
N PHE A 470 -16.38 -12.19 19.71
CA PHE A 470 -17.14 -11.15 19.02
C PHE A 470 -17.88 -11.72 17.81
N GLN A 471 -19.20 -11.81 17.92
CA GLN A 471 -20.05 -12.32 16.84
C GLN A 471 -21.52 -12.23 17.21
N GLY B 97 -2.92 3.85 -39.72
CA GLY B 97 -3.19 4.32 -38.33
C GLY B 97 -2.03 5.08 -37.70
N ILE B 98 -1.70 4.73 -36.46
CA ILE B 98 -0.61 5.37 -35.73
C ILE B 98 0.77 5.01 -36.27
N ASP B 99 1.67 5.99 -36.30
CA ASP B 99 3.02 5.74 -36.79
C ASP B 99 3.83 5.15 -35.64
N TYR B 100 4.09 3.85 -35.70
CA TYR B 100 4.83 3.17 -34.64
C TYR B 100 6.33 3.40 -34.66
N ASP B 101 6.89 3.72 -35.81
CA ASP B 101 8.32 3.97 -35.89
C ASP B 101 8.65 5.23 -35.11
N LYS B 102 7.82 6.26 -35.26
CA LYS B 102 8.05 7.51 -34.55
C LYS B 102 7.70 7.33 -33.08
N LEU B 103 6.96 6.27 -32.78
CA LEU B 103 6.58 5.99 -31.41
C LEU B 103 7.77 5.32 -30.71
N ILE B 104 8.41 4.41 -31.42
CA ILE B 104 9.57 3.70 -30.89
C ILE B 104 10.66 4.68 -30.50
N VAL B 105 10.80 5.74 -31.28
CA VAL B 105 11.83 6.74 -31.03
C VAL B 105 11.43 7.64 -29.85
N ARG B 106 10.16 8.03 -29.78
CA ARG B 106 9.69 8.87 -28.69
C ARG B 106 9.88 8.15 -27.37
N PHE B 107 9.55 6.86 -27.37
CA PHE B 107 9.68 6.02 -26.18
C PHE B 107 11.11 5.56 -25.90
N GLY B 108 11.96 5.63 -26.92
CA GLY B 108 13.34 5.22 -26.75
C GLY B 108 13.55 3.72 -26.67
N SER B 109 12.57 2.97 -27.16
CA SER B 109 12.68 1.51 -27.14
C SER B 109 13.44 1.07 -28.39
N SER B 110 13.39 -0.22 -28.68
CA SER B 110 14.08 -0.76 -29.84
C SER B 110 13.12 -1.50 -30.75
N LYS B 111 13.35 -1.37 -32.05
CA LYS B 111 12.53 -2.03 -33.03
C LYS B 111 12.93 -3.51 -33.16
N ILE B 112 11.91 -4.35 -33.32
CA ILE B 112 12.12 -5.77 -33.48
C ILE B 112 12.40 -6.00 -34.97
N ASP B 113 13.66 -6.25 -35.31
CA ASP B 113 14.03 -6.49 -36.70
C ASP B 113 14.13 -7.98 -37.03
N LYS B 114 14.49 -8.29 -38.26
CA LYS B 114 14.60 -9.68 -38.70
C LYS B 114 15.71 -10.44 -37.98
N GLU B 115 16.79 -9.74 -37.64
CA GLU B 115 17.90 -10.36 -36.93
C GLU B 115 17.34 -10.95 -35.64
N LEU B 116 16.66 -10.11 -34.87
CA LEU B 116 16.08 -10.51 -33.60
C LEU B 116 15.07 -11.65 -33.75
N ILE B 117 14.30 -11.61 -34.83
CA ILE B 117 13.30 -12.63 -35.08
C ILE B 117 13.94 -13.98 -35.40
N ASN B 118 15.04 -13.93 -36.16
CA ASN B 118 15.74 -15.16 -36.52
C ASN B 118 16.35 -15.75 -35.26
N ARG B 119 16.88 -14.88 -34.42
CA ARG B 119 17.52 -15.28 -33.19
C ARG B 119 16.55 -16.04 -32.28
N ILE B 120 15.31 -15.57 -32.24
CA ILE B 120 14.28 -16.20 -31.44
C ILE B 120 13.97 -17.58 -32.03
N GLU B 121 13.95 -17.68 -33.36
CA GLU B 121 13.69 -18.97 -33.98
C GLU B 121 14.78 -19.97 -33.60
N ARG B 122 16.04 -19.55 -33.70
CA ARG B 122 17.15 -20.42 -33.32
C ARG B 122 17.05 -20.85 -31.86
N ALA B 123 16.79 -19.86 -30.99
CA ALA B 123 16.69 -20.12 -29.57
C ALA B 123 15.53 -21.01 -29.17
N THR B 124 14.47 -21.01 -29.98
CA THR B 124 13.30 -21.82 -29.63
C THR B 124 13.10 -23.06 -30.49
N GLY B 125 13.78 -23.10 -31.63
CA GLY B 125 13.64 -24.22 -32.54
C GLY B 125 12.25 -24.25 -33.16
N GLN B 126 11.55 -23.12 -33.08
CA GLN B 126 10.20 -23.00 -33.61
C GLN B 126 10.08 -21.84 -34.60
N ARG B 127 9.07 -21.90 -35.46
CA ARG B 127 8.87 -20.81 -36.40
C ARG B 127 8.28 -19.69 -35.56
N PRO B 128 8.88 -18.48 -35.64
CA PRO B 128 8.35 -17.36 -34.85
C PRO B 128 6.89 -17.00 -35.13
N HIS B 129 6.14 -16.86 -34.05
CA HIS B 129 4.72 -16.53 -34.08
C HIS B 129 4.41 -15.46 -35.13
N HIS B 130 3.25 -15.55 -35.77
CA HIS B 130 2.92 -14.56 -36.79
C HIS B 130 2.86 -13.11 -36.29
N PHE B 131 2.59 -12.89 -34.99
CA PHE B 131 2.55 -11.50 -34.51
C PHE B 131 3.94 -10.89 -34.75
N LEU B 132 4.96 -11.73 -34.60
CA LEU B 132 6.33 -11.31 -34.80
C LEU B 132 6.62 -11.11 -36.28
N ARG B 133 6.23 -12.09 -37.09
CA ARG B 133 6.48 -12.00 -38.53
C ARG B 133 5.78 -10.80 -39.16
N ARG B 134 4.58 -10.47 -38.67
CA ARG B 134 3.80 -9.36 -39.22
C ARG B 134 3.91 -8.01 -38.52
N GLY B 135 4.86 -7.86 -37.61
CA GLY B 135 5.04 -6.58 -36.94
C GLY B 135 4.01 -6.19 -35.88
N ILE B 136 3.12 -7.11 -35.51
CA ILE B 136 2.13 -6.80 -34.49
C ILE B 136 2.87 -6.59 -33.17
N PHE B 137 3.90 -7.39 -32.93
CA PHE B 137 4.76 -7.18 -31.77
C PHE B 137 5.99 -6.64 -32.48
N PHE B 138 6.09 -5.32 -32.46
CA PHE B 138 7.11 -4.58 -33.18
C PHE B 138 8.24 -3.97 -32.37
N SER B 139 8.02 -3.78 -31.07
CA SER B 139 9.04 -3.13 -30.24
C SER B 139 9.47 -3.95 -29.03
N HIS B 140 10.68 -3.66 -28.56
CA HIS B 140 11.20 -4.36 -27.40
C HIS B 140 12.20 -3.54 -26.60
N ARG B 141 12.56 -4.09 -25.45
CA ARG B 141 13.55 -3.53 -24.54
C ARG B 141 14.35 -4.73 -24.01
N ASP B 142 15.64 -4.76 -24.31
CA ASP B 142 16.52 -5.84 -23.83
C ASP B 142 16.19 -7.28 -24.27
N MET B 143 15.42 -7.47 -25.33
CA MET B 143 15.10 -8.85 -25.72
C MET B 143 16.36 -9.67 -26.00
N ASN B 144 17.45 -8.99 -26.36
CA ASN B 144 18.71 -9.68 -26.62
C ASN B 144 19.30 -10.19 -25.31
N GLN B 145 19.11 -9.45 -24.21
CA GLN B 145 19.61 -9.90 -22.91
C GLN B 145 18.90 -11.21 -22.58
N VAL B 146 17.58 -11.21 -22.79
CA VAL B 146 16.79 -12.40 -22.52
C VAL B 146 17.28 -13.60 -23.35
N LEU B 147 17.51 -13.38 -24.64
CA LEU B 147 17.99 -14.47 -25.49
C LEU B 147 19.38 -14.94 -25.06
N ASP B 148 20.25 -13.99 -24.73
CA ASP B 148 21.59 -14.33 -24.26
C ASP B 148 21.49 -15.24 -23.06
N ALA B 149 20.63 -14.87 -22.11
CA ALA B 149 20.45 -15.65 -20.91
C ALA B 149 19.90 -17.04 -21.22
N TYR B 150 18.87 -17.10 -22.05
CA TYR B 150 18.25 -18.37 -22.40
C TYR B 150 19.25 -19.31 -23.08
N GLU B 151 20.03 -18.76 -24.01
CA GLU B 151 21.02 -19.54 -24.74
C GLU B 151 22.14 -20.04 -23.81
N ASN B 152 22.38 -19.32 -22.72
CA ASN B 152 23.40 -19.73 -21.77
C ASN B 152 22.76 -20.58 -20.66
N LYS B 153 21.53 -21.01 -20.91
CA LYS B 153 20.78 -21.84 -19.97
C LYS B 153 20.38 -21.13 -18.66
N LYS B 154 20.42 -19.80 -18.65
CA LYS B 154 20.00 -19.04 -17.48
C LYS B 154 18.47 -19.05 -17.54
N PRO B 155 17.78 -18.81 -16.42
CA PRO B 155 16.32 -18.82 -16.49
C PRO B 155 15.68 -17.43 -16.65
N PHE B 156 14.38 -17.41 -16.95
CA PHE B 156 13.66 -16.15 -17.07
C PHE B 156 12.18 -16.45 -16.93
N TYR B 157 11.39 -15.45 -16.57
CA TYR B 157 9.96 -15.67 -16.44
C TYR B 157 9.13 -14.59 -17.13
N LEU B 158 7.89 -14.94 -17.46
CA LEU B 158 6.99 -14.02 -18.12
C LEU B 158 6.06 -13.28 -17.16
N TYR B 159 5.83 -12.02 -17.46
CA TYR B 159 4.93 -11.21 -16.68
C TYR B 159 4.07 -10.31 -17.56
N THR B 160 2.76 -10.51 -17.48
CA THR B 160 1.81 -9.69 -18.21
C THR B 160 0.60 -9.50 -17.27
N GLY B 161 -0.37 -8.68 -17.68
CA GLY B 161 -1.51 -8.47 -16.81
C GLY B 161 -2.80 -8.03 -17.46
N ARG B 162 -3.86 -8.01 -16.65
CA ARG B 162 -5.19 -7.63 -17.08
C ARG B 162 -5.86 -6.63 -16.11
N GLY B 163 -6.43 -5.58 -16.68
CA GLY B 163 -7.13 -4.58 -15.88
C GLY B 163 -8.61 -4.92 -16.01
N PRO B 164 -9.18 -5.72 -15.08
CA PRO B 164 -10.57 -6.15 -15.06
C PRO B 164 -11.63 -5.07 -14.87
N SER B 165 -11.82 -4.25 -15.90
CA SER B 165 -12.79 -3.16 -15.87
C SER B 165 -14.23 -3.68 -15.87
N SER B 166 -14.43 -4.88 -16.39
CA SER B 166 -15.75 -5.48 -16.41
C SER B 166 -15.65 -6.91 -16.93
N GLU B 167 -16.79 -7.58 -17.01
CA GLU B 167 -16.85 -8.95 -17.50
C GLU B 167 -16.76 -8.98 -19.01
N ALA B 168 -17.00 -7.84 -19.63
CA ALA B 168 -16.97 -7.75 -21.08
C ALA B 168 -15.58 -7.62 -21.69
N MET B 169 -15.03 -8.75 -22.12
CA MET B 169 -13.72 -8.75 -22.76
C MET B 169 -13.89 -8.96 -24.25
N HIS B 170 -12.99 -8.38 -25.03
CA HIS B 170 -13.07 -8.51 -26.46
C HIS B 170 -11.79 -9.06 -27.07
N VAL B 171 -11.88 -9.38 -28.36
CA VAL B 171 -10.79 -9.94 -29.12
C VAL B 171 -9.48 -9.16 -29.00
N GLY B 172 -9.57 -7.85 -28.76
CA GLY B 172 -8.35 -7.06 -28.63
C GLY B 172 -7.62 -7.38 -27.33
N HIS B 173 -8.37 -7.73 -26.30
CA HIS B 173 -7.80 -8.07 -25.00
C HIS B 173 -6.98 -9.36 -25.04
N LEU B 174 -7.31 -10.25 -25.97
CA LEU B 174 -6.62 -11.53 -26.08
C LEU B 174 -5.22 -11.50 -26.73
N ILE B 175 -4.94 -10.46 -27.52
CA ILE B 175 -3.66 -10.40 -28.21
C ILE B 175 -2.44 -10.68 -27.36
N PRO B 176 -2.19 -9.89 -26.30
CA PRO B 176 -1.01 -10.17 -25.48
C PRO B 176 -1.03 -11.55 -24.82
N PHE B 177 -2.22 -12.08 -24.57
CA PHE B 177 -2.33 -13.37 -23.94
C PHE B 177 -2.05 -14.48 -24.93
N ILE B 178 -2.57 -14.33 -26.14
CA ILE B 178 -2.34 -15.32 -27.18
C ILE B 178 -0.83 -15.41 -27.38
N PHE B 179 -0.17 -14.26 -27.46
CA PHE B 179 1.27 -14.19 -27.67
C PHE B 179 2.06 -14.74 -26.49
N THR B 180 1.69 -14.34 -25.28
CA THR B 180 2.39 -14.79 -24.08
C THR B 180 2.26 -16.31 -23.93
N LYS B 181 1.10 -16.86 -24.30
CA LYS B 181 0.89 -18.30 -24.21
C LYS B 181 1.87 -18.99 -25.15
N TRP B 182 2.08 -18.39 -26.30
CA TRP B 182 3.01 -18.95 -27.27
C TRP B 182 4.44 -18.90 -26.72
N LEU B 183 4.80 -17.77 -26.13
CA LEU B 183 6.13 -17.58 -25.55
C LEU B 183 6.38 -18.61 -24.45
N GLN B 184 5.34 -18.93 -23.69
CA GLN B 184 5.45 -19.90 -22.63
C GLN B 184 5.73 -21.31 -23.15
N ASP B 185 5.00 -21.72 -24.19
CA ASP B 185 5.23 -23.05 -24.76
C ASP B 185 6.58 -23.12 -25.43
N VAL B 186 6.88 -22.08 -26.19
CA VAL B 186 8.11 -21.98 -26.95
C VAL B 186 9.41 -21.93 -26.16
N PHE B 187 9.42 -21.20 -25.05
CA PHE B 187 10.64 -21.12 -24.24
C PHE B 187 10.55 -22.06 -23.05
N ASN B 188 9.32 -22.44 -22.71
CA ASN B 188 9.05 -23.33 -21.58
C ASN B 188 9.50 -22.65 -20.28
N VAL B 189 8.83 -21.56 -19.93
CA VAL B 189 9.16 -20.79 -18.75
C VAL B 189 7.92 -20.51 -17.91
N PRO B 190 8.13 -20.22 -16.62
CA PRO B 190 7.05 -19.91 -15.69
C PRO B 190 6.43 -18.55 -16.02
N LEU B 191 5.13 -18.43 -15.77
CA LEU B 191 4.40 -17.20 -16.08
C LEU B 191 3.59 -16.66 -14.91
N VAL B 192 3.64 -15.34 -14.77
CA VAL B 192 2.94 -14.63 -13.71
C VAL B 192 1.99 -13.60 -14.36
N ILE B 193 0.70 -13.66 -14.00
CA ILE B 193 -0.31 -12.76 -14.58
C ILE B 193 -1.04 -11.94 -13.52
N GLN B 194 -0.85 -10.62 -13.56
CA GLN B 194 -1.47 -9.73 -12.60
C GLN B 194 -2.87 -9.25 -12.97
N MET B 195 -3.81 -9.45 -12.04
CA MET B 195 -5.19 -9.00 -12.22
C MET B 195 -5.36 -7.79 -11.31
N THR B 196 -5.29 -6.60 -11.89
CA THR B 196 -5.38 -5.36 -11.14
C THR B 196 -6.77 -4.88 -10.66
N ASP B 197 -7.44 -5.69 -9.86
CA ASP B 197 -8.76 -5.30 -9.35
C ASP B 197 -8.68 -4.01 -8.52
N ASP B 198 -7.56 -3.79 -7.86
CA ASP B 198 -7.39 -2.59 -7.05
C ASP B 198 -7.28 -1.34 -7.92
N GLU B 199 -6.62 -1.49 -9.08
CA GLU B 199 -6.45 -0.39 -10.00
C GLU B 199 -7.82 0.05 -10.53
N LYS B 200 -8.65 -0.92 -10.86
CA LYS B 200 -9.97 -0.61 -11.37
C LYS B 200 -10.83 -0.02 -10.28
N TYR B 201 -10.70 -0.54 -9.06
CA TYR B 201 -11.48 -0.01 -7.94
C TYR B 201 -11.12 1.46 -7.78
N LEU B 202 -9.84 1.78 -7.90
CA LEU B 202 -9.39 3.16 -7.76
C LEU B 202 -9.86 4.08 -8.87
N TRP B 203 -9.82 3.59 -10.11
CA TRP B 203 -10.21 4.40 -11.28
C TRP B 203 -11.67 4.34 -11.69
N LYS B 204 -12.32 3.21 -11.47
CA LYS B 204 -13.71 3.05 -11.86
C LYS B 204 -14.69 3.15 -10.70
N ASP B 205 -15.95 3.39 -11.05
CA ASP B 205 -17.01 3.49 -10.08
C ASP B 205 -17.45 2.07 -9.79
N LEU B 206 -16.64 1.36 -9.01
CA LEU B 206 -16.94 -0.02 -8.66
C LEU B 206 -16.67 -0.22 -7.18
N THR B 207 -17.20 -1.30 -6.63
CA THR B 207 -16.98 -1.63 -5.24
C THR B 207 -15.87 -2.68 -5.24
N LEU B 208 -15.14 -2.79 -4.13
CA LEU B 208 -14.07 -3.77 -4.05
C LEU B 208 -14.56 -5.13 -4.53
N ASP B 209 -15.75 -5.52 -4.12
CA ASP B 209 -16.29 -6.81 -4.50
C ASP B 209 -16.52 -6.94 -6.00
N GLN B 210 -16.97 -5.87 -6.65
CA GLN B 210 -17.19 -5.92 -8.09
C GLN B 210 -15.84 -6.11 -8.74
N ALA B 211 -14.92 -5.19 -8.45
CA ALA B 211 -13.58 -5.23 -9.01
C ALA B 211 -13.01 -6.63 -8.88
N TYR B 212 -13.09 -7.19 -7.68
CA TYR B 212 -12.58 -8.52 -7.44
C TYR B 212 -13.31 -9.56 -8.29
N SER B 213 -14.63 -9.49 -8.32
CA SER B 213 -15.41 -10.45 -9.09
C SER B 213 -15.04 -10.43 -10.57
N TYR B 214 -14.78 -9.25 -11.13
CA TYR B 214 -14.40 -9.16 -12.53
C TYR B 214 -13.09 -9.90 -12.75
N ALA B 215 -12.14 -9.69 -11.84
CA ALA B 215 -10.85 -10.35 -11.93
C ALA B 215 -11.03 -11.86 -12.04
N VAL B 216 -11.86 -12.42 -11.17
CA VAL B 216 -12.10 -13.86 -11.18
C VAL B 216 -12.72 -14.29 -12.50
N GLU B 217 -13.69 -13.53 -12.98
CA GLU B 217 -14.34 -13.87 -14.25
C GLU B 217 -13.36 -13.78 -15.40
N ASN B 218 -12.62 -12.68 -15.48
CA ASN B 218 -11.66 -12.47 -16.55
C ASN B 218 -10.61 -13.57 -16.54
N ALA B 219 -10.33 -14.11 -15.36
CA ALA B 219 -9.35 -15.18 -15.22
C ALA B 219 -9.75 -16.41 -16.04
N LYS B 220 -11.06 -16.63 -16.17
CA LYS B 220 -11.56 -17.77 -16.95
C LYS B 220 -11.20 -17.60 -18.43
N ASP B 221 -11.47 -16.42 -18.97
CA ASP B 221 -11.13 -16.18 -20.36
C ASP B 221 -9.63 -16.30 -20.58
N ILE B 222 -8.86 -15.79 -19.63
CA ILE B 222 -7.42 -15.85 -19.73
C ILE B 222 -6.95 -17.31 -19.72
N ILE B 223 -7.52 -18.10 -18.81
CA ILE B 223 -7.17 -19.51 -18.73
C ILE B 223 -7.59 -20.23 -20.01
N ALA B 224 -8.71 -19.79 -20.60
CA ALA B 224 -9.25 -20.37 -21.83
C ALA B 224 -8.27 -20.27 -23.00
N CYS B 225 -7.24 -19.45 -22.84
CA CYS B 225 -6.24 -19.31 -23.88
C CYS B 225 -5.29 -20.51 -23.82
N GLY B 226 -5.52 -21.38 -22.84
CA GLY B 226 -4.72 -22.59 -22.72
C GLY B 226 -3.41 -22.60 -21.95
N PHE B 227 -3.22 -21.68 -21.01
CA PHE B 227 -1.97 -21.66 -20.23
C PHE B 227 -1.83 -22.93 -19.40
N ASP B 228 -0.60 -23.40 -19.25
CA ASP B 228 -0.33 -24.60 -18.47
C ASP B 228 -0.49 -24.28 -16.98
N ILE B 229 -1.45 -24.94 -16.32
CA ILE B 229 -1.69 -24.69 -14.90
C ILE B 229 -0.48 -24.98 -14.01
N ASN B 230 0.45 -25.82 -14.48
CA ASN B 230 1.64 -26.13 -13.70
C ASN B 230 2.70 -25.08 -13.92
N LYS B 231 2.46 -24.18 -14.88
CA LYS B 231 3.45 -23.17 -15.22
C LYS B 231 2.98 -21.73 -15.09
N THR B 232 1.77 -21.51 -14.61
CA THR B 232 1.34 -20.14 -14.52
C THR B 232 0.51 -19.79 -13.31
N PHE B 233 0.90 -18.68 -12.70
CA PHE B 233 0.23 -18.14 -11.53
C PHE B 233 -0.55 -16.88 -11.92
N ILE B 234 -1.86 -16.92 -11.69
CA ILE B 234 -2.72 -15.78 -12.00
C ILE B 234 -3.19 -15.25 -10.65
N PHE B 235 -3.00 -13.96 -10.40
CA PHE B 235 -3.36 -13.43 -9.10
C PHE B 235 -4.13 -12.12 -9.12
N SER B 236 -4.93 -11.94 -8.08
CA SER B 236 -5.70 -10.73 -7.86
C SER B 236 -4.79 -9.88 -6.97
N ASP B 237 -4.71 -8.59 -7.25
CA ASP B 237 -3.87 -7.71 -6.43
C ASP B 237 -4.43 -7.69 -5.01
N LEU B 238 -5.75 -7.57 -4.89
CA LEU B 238 -6.41 -7.53 -3.60
C LEU B 238 -6.15 -8.78 -2.76
N ASP B 239 -6.14 -9.94 -3.42
CA ASP B 239 -5.91 -11.18 -2.71
C ASP B 239 -4.46 -11.40 -2.34
N TYR B 240 -3.62 -11.43 -3.37
CA TYR B 240 -2.20 -11.67 -3.21
C TYR B 240 -1.52 -10.72 -2.23
N MET B 241 -1.83 -9.43 -2.33
CA MET B 241 -1.22 -8.45 -1.44
C MET B 241 -1.38 -8.87 0.01
N GLY B 242 -2.57 -9.37 0.34
CA GLY B 242 -2.85 -9.79 1.69
C GLY B 242 -2.33 -11.14 2.10
N MET B 243 -1.65 -11.85 1.22
CA MET B 243 -1.13 -13.16 1.60
C MET B 243 0.29 -13.45 1.13
N SER B 244 0.94 -12.45 0.56
CA SER B 244 2.31 -12.63 0.09
C SER B 244 3.34 -12.06 1.04
N SER B 245 4.37 -12.85 1.33
CA SER B 245 5.44 -12.43 2.22
C SER B 245 6.42 -11.49 1.49
N GLY B 246 6.31 -11.39 0.18
CA GLY B 246 7.23 -10.53 -0.54
C GLY B 246 6.66 -9.44 -1.43
N PHE B 247 5.41 -9.57 -1.84
CA PHE B 247 4.81 -8.57 -2.73
C PHE B 247 4.77 -7.15 -2.16
N TYR B 248 4.12 -6.98 -1.01
CA TYR B 248 4.04 -5.67 -0.39
C TYR B 248 5.40 -5.05 -0.10
N LYS B 249 6.34 -5.87 0.35
CA LYS B 249 7.68 -5.39 0.63
C LYS B 249 8.31 -4.78 -0.60
N ASN B 250 8.11 -5.39 -1.76
CA ASN B 250 8.68 -4.83 -2.98
C ASN B 250 7.95 -3.55 -3.38
N VAL B 251 6.64 -3.51 -3.17
CA VAL B 251 5.86 -2.34 -3.50
C VAL B 251 6.36 -1.15 -2.68
N VAL B 252 6.60 -1.38 -1.39
CA VAL B 252 7.11 -0.33 -0.52
C VAL B 252 8.49 0.16 -0.97
N LYS B 253 9.39 -0.79 -1.30
CA LYS B 253 10.73 -0.42 -1.77
C LYS B 253 10.56 0.48 -2.99
N ILE B 254 9.69 0.08 -3.90
CA ILE B 254 9.45 0.85 -5.10
C ILE B 254 8.87 2.22 -4.78
N GLN B 255 7.89 2.27 -3.89
CA GLN B 255 7.29 3.54 -3.52
C GLN B 255 8.30 4.53 -2.97
N LYS B 256 9.28 4.00 -2.24
CA LYS B 256 10.31 4.81 -1.63
C LYS B 256 11.20 5.49 -2.67
N HIS B 257 11.24 4.94 -3.89
CA HIS B 257 12.10 5.49 -4.93
C HIS B 257 11.43 6.15 -6.14
N VAL B 258 10.16 6.49 -5.99
CA VAL B 258 9.42 7.17 -7.06
C VAL B 258 8.72 8.36 -6.43
N THR B 259 8.95 9.56 -6.97
CA THR B 259 8.33 10.76 -6.45
C THR B 259 7.07 11.10 -7.20
N PHE B 260 6.23 11.91 -6.57
CA PHE B 260 4.98 12.33 -7.17
C PHE B 260 5.24 13.05 -8.49
N ASN B 261 6.27 13.88 -8.53
CA ASN B 261 6.61 14.61 -9.74
C ASN B 261 6.88 13.61 -10.84
N GLN B 262 7.59 12.54 -10.51
CA GLN B 262 7.91 11.52 -11.48
C GLN B 262 6.63 10.94 -12.10
N VAL B 263 5.70 10.48 -11.27
CA VAL B 263 4.47 9.91 -11.80
C VAL B 263 3.60 10.96 -12.44
N LYS B 264 3.75 12.19 -11.99
CA LYS B 264 2.98 13.30 -12.54
C LYS B 264 3.33 13.42 -14.02
N GLY B 265 4.63 13.43 -14.31
CA GLY B 265 5.08 13.56 -15.68
C GLY B 265 4.99 12.30 -16.54
N ILE B 266 4.81 11.14 -15.90
CA ILE B 266 4.72 9.89 -16.65
C ILE B 266 3.28 9.49 -16.93
N PHE B 267 2.40 9.67 -15.95
CA PHE B 267 1.01 9.28 -16.12
C PHE B 267 0.02 10.44 -16.19
N GLY B 268 0.52 11.65 -15.94
CA GLY B 268 -0.33 12.82 -15.98
C GLY B 268 -1.23 12.96 -14.77
N PHE B 269 -0.75 12.54 -13.60
CA PHE B 269 -1.54 12.66 -12.40
C PHE B 269 -1.61 14.11 -11.95
N THR B 270 -2.70 14.48 -11.28
CA THR B 270 -2.91 15.84 -10.79
C THR B 270 -3.11 15.81 -9.27
N ASP B 271 -3.12 16.98 -8.64
CA ASP B 271 -3.30 17.05 -7.18
C ASP B 271 -4.68 16.59 -6.73
N SER B 272 -5.63 16.54 -7.66
CA SER B 272 -6.99 16.13 -7.31
C SER B 272 -7.25 14.63 -7.39
N ASP B 273 -6.27 13.86 -7.83
CA ASP B 273 -6.43 12.41 -7.91
C ASP B 273 -6.31 11.85 -6.49
N CYS B 274 -6.91 10.69 -6.24
CA CYS B 274 -6.80 10.11 -4.90
C CYS B 274 -5.38 9.52 -4.72
N ILE B 275 -4.93 9.48 -3.47
CA ILE B 275 -3.60 8.97 -3.15
C ILE B 275 -3.38 7.53 -3.61
N GLY B 276 -4.48 6.81 -3.82
CA GLY B 276 -4.38 5.43 -4.26
C GLY B 276 -3.82 5.37 -5.67
N LYS B 277 -4.30 6.26 -6.53
CA LYS B 277 -3.84 6.30 -7.91
C LYS B 277 -2.38 6.74 -7.98
N ILE B 278 -2.03 7.72 -7.16
CA ILE B 278 -0.66 8.24 -7.15
C ILE B 278 0.36 7.13 -6.98
N SER B 279 0.11 6.23 -6.05
CA SER B 279 1.05 5.16 -5.77
C SER B 279 0.80 3.85 -6.51
N PHE B 280 -0.32 3.74 -7.21
CA PHE B 280 -0.59 2.48 -7.91
C PHE B 280 0.56 1.99 -8.79
N PRO B 281 1.18 2.89 -9.56
CA PRO B 281 2.28 2.48 -10.43
C PRO B 281 3.26 1.49 -9.80
N ALA B 282 3.51 1.65 -8.51
CA ALA B 282 4.42 0.75 -7.81
C ALA B 282 3.87 -0.68 -7.75
N ILE B 283 2.55 -0.81 -7.79
CA ILE B 283 1.90 -2.13 -7.75
C ILE B 283 2.12 -2.86 -9.09
N GLN B 284 1.91 -2.15 -10.21
CA GLN B 284 2.09 -2.75 -11.52
C GLN B 284 3.57 -3.06 -11.76
N ALA B 285 4.45 -2.32 -11.08
CA ALA B 285 5.88 -2.52 -11.22
C ALA B 285 6.41 -3.75 -10.48
N ALA B 286 5.92 -3.93 -9.25
CA ALA B 286 6.33 -5.02 -8.35
C ALA B 286 6.51 -6.43 -8.91
N PRO B 287 5.56 -6.91 -9.73
CA PRO B 287 5.75 -8.26 -10.26
C PRO B 287 6.91 -8.44 -11.24
N SER B 288 7.64 -7.37 -11.50
CA SER B 288 8.78 -7.43 -12.39
C SER B 288 9.97 -8.08 -11.68
N PHE B 289 9.84 -8.23 -10.38
CA PHE B 289 10.94 -8.78 -9.58
C PHE B 289 10.57 -10.09 -8.94
N SER B 290 11.34 -11.12 -9.29
CA SER B 290 11.15 -12.48 -8.82
C SER B 290 10.86 -12.68 -7.32
N ASN B 291 11.45 -11.88 -6.44
CA ASN B 291 11.14 -12.12 -5.03
C ASN B 291 9.79 -11.58 -4.58
N SER B 292 8.92 -11.29 -5.55
CA SER B 292 7.55 -10.86 -5.27
C SER B 292 6.77 -12.18 -5.26
N PHE B 293 7.45 -13.23 -5.71
CA PHE B 293 6.87 -14.57 -5.80
C PHE B 293 7.80 -15.62 -5.17
N PRO B 294 8.06 -15.47 -3.86
CA PRO B 294 8.91 -16.36 -3.06
C PRO B 294 8.57 -17.82 -3.27
N GLN B 295 7.28 -18.13 -3.29
CA GLN B 295 6.81 -19.50 -3.48
C GLN B 295 7.29 -20.09 -4.77
N ILE B 296 7.32 -19.29 -5.83
CA ILE B 296 7.74 -19.83 -7.11
C ILE B 296 9.26 -19.74 -7.40
N PHE B 297 9.92 -18.66 -7.04
CA PHE B 297 11.36 -18.56 -7.32
C PHE B 297 12.31 -18.81 -6.14
N ARG B 298 11.76 -19.36 -5.06
CA ARG B 298 12.52 -19.69 -3.85
C ARG B 298 13.40 -18.54 -3.32
N ASP B 299 12.80 -17.37 -3.20
CA ASP B 299 13.48 -16.18 -2.70
C ASP B 299 14.59 -15.63 -3.60
N ARG B 300 14.76 -16.22 -4.79
CA ARG B 300 15.76 -15.75 -5.73
C ARG B 300 15.41 -14.29 -6.09
N THR B 301 16.43 -13.49 -6.33
CA THR B 301 16.29 -12.07 -6.60
C THR B 301 16.84 -11.63 -7.96
N ASP B 302 17.46 -12.56 -8.67
CA ASP B 302 18.09 -12.26 -9.95
C ASP B 302 17.49 -12.94 -11.18
N ILE B 303 16.21 -13.30 -11.14
CA ILE B 303 15.63 -13.96 -12.31
C ILE B 303 15.21 -12.95 -13.37
N GLN B 304 15.74 -13.08 -14.58
CA GLN B 304 15.40 -12.20 -15.69
C GLN B 304 13.89 -12.24 -15.94
N CYS B 305 13.29 -11.06 -16.15
CA CYS B 305 11.87 -10.94 -16.39
C CYS B 305 11.53 -10.33 -17.75
N LEU B 306 10.66 -11.02 -18.51
CA LEU B 306 10.23 -10.54 -19.82
C LEU B 306 8.75 -10.18 -19.76
N ILE B 307 8.44 -8.94 -20.12
CA ILE B 307 7.07 -8.45 -20.08
C ILE B 307 6.43 -8.13 -21.43
N PRO B 308 5.56 -9.04 -21.92
CA PRO B 308 4.90 -8.79 -23.21
C PRO B 308 3.66 -7.93 -22.94
N CYS B 309 3.52 -6.82 -23.67
CA CYS B 309 2.38 -5.94 -23.44
C CYS B 309 2.15 -4.95 -24.58
N ALA B 310 1.02 -4.26 -24.55
CA ALA B 310 0.69 -3.25 -25.56
C ALA B 310 1.51 -2.01 -25.16
N ILE B 311 2.06 -1.29 -26.14
CA ILE B 311 2.90 -0.12 -25.85
C ILE B 311 2.30 0.88 -24.89
N ASP B 312 0.98 0.91 -24.74
CA ASP B 312 0.39 1.87 -23.81
C ASP B 312 0.73 1.51 -22.35
N GLN B 313 1.27 0.32 -22.13
CA GLN B 313 1.64 -0.11 -20.79
C GLN B 313 3.09 0.22 -20.51
N ASP B 314 3.83 0.58 -21.55
CA ASP B 314 5.24 0.89 -21.41
C ASP B 314 5.61 1.91 -20.33
N PRO B 315 4.89 3.04 -20.25
CA PRO B 315 5.28 4.00 -19.20
C PRO B 315 5.50 3.36 -17.83
N TYR B 316 4.64 2.41 -17.45
CA TYR B 316 4.80 1.72 -16.19
C TYR B 316 6.15 1.05 -16.08
N PHE B 317 6.65 0.52 -17.19
CA PHE B 317 7.90 -0.19 -17.16
C PHE B 317 9.15 0.62 -17.41
N ARG B 318 9.00 1.81 -18.00
CA ARG B 318 10.15 2.66 -18.18
C ARG B 318 10.48 3.00 -16.73
N MET B 319 9.41 3.26 -15.97
CA MET B 319 9.53 3.59 -14.56
C MET B 319 10.15 2.43 -13.78
N THR B 320 9.64 1.23 -14.01
CA THR B 320 10.14 0.06 -13.33
C THR B 320 11.62 -0.15 -13.67
N ARG B 321 11.97 -0.03 -14.94
CA ARG B 321 13.37 -0.20 -15.38
C ARG B 321 14.25 0.87 -14.72
N ASP B 322 13.68 2.06 -14.53
CA ASP B 322 14.40 3.17 -13.94
C ASP B 322 14.76 2.95 -12.47
N VAL B 323 13.83 2.39 -11.68
CA VAL B 323 14.08 2.16 -10.27
C VAL B 323 14.75 0.83 -9.94
N ALA B 324 14.60 -0.16 -10.81
CA ALA B 324 15.21 -1.48 -10.56
C ALA B 324 16.63 -1.42 -9.99
N PRO B 325 17.57 -0.76 -10.69
CA PRO B 325 18.95 -0.65 -10.22
C PRO B 325 19.02 -0.01 -8.83
N ARG B 326 18.20 1.02 -8.63
CA ARG B 326 18.17 1.72 -7.37
C ARG B 326 17.74 0.88 -6.16
N ILE B 327 17.21 -0.31 -6.39
CA ILE B 327 16.80 -1.17 -5.29
C ILE B 327 17.41 -2.56 -5.41
N GLY B 328 18.48 -2.65 -6.20
CA GLY B 328 19.21 -3.89 -6.38
C GLY B 328 18.61 -5.01 -7.20
N TYR B 329 17.80 -4.69 -8.19
CA TYR B 329 17.19 -5.72 -9.02
C TYR B 329 17.48 -5.46 -10.48
N PRO B 330 17.37 -6.51 -11.31
CA PRO B 330 17.62 -6.35 -12.74
C PRO B 330 16.39 -5.70 -13.36
N LYS B 331 16.58 -4.98 -14.45
CA LYS B 331 15.50 -4.33 -15.16
C LYS B 331 14.69 -5.37 -15.95
N PRO B 332 13.37 -5.18 -16.06
CA PRO B 332 12.59 -6.16 -16.82
C PRO B 332 12.67 -5.87 -18.32
N ALA B 333 12.63 -6.93 -19.13
CA ALA B 333 12.69 -6.78 -20.58
C ALA B 333 11.26 -6.63 -21.09
N LEU B 334 11.12 -6.07 -22.29
CA LEU B 334 9.81 -5.82 -22.86
C LEU B 334 9.65 -6.20 -24.33
N LEU B 335 8.43 -6.58 -24.66
CA LEU B 335 8.00 -6.92 -26.01
C LEU B 335 6.68 -6.15 -26.16
N HIS B 336 6.66 -5.16 -27.05
CA HIS B 336 5.47 -4.32 -27.24
C HIS B 336 4.61 -4.73 -28.44
N SER B 337 3.30 -4.69 -28.24
CA SER B 337 2.38 -5.00 -29.32
C SER B 337 1.71 -3.68 -29.72
N THR B 338 1.24 -3.62 -30.95
CA THR B 338 0.55 -2.45 -31.50
C THR B 338 -0.85 -2.39 -30.89
N PHE B 339 -1.53 -1.26 -31.08
CA PHE B 339 -2.89 -1.10 -30.60
C PHE B 339 -3.80 -1.92 -31.51
N PHE B 340 -4.71 -2.70 -30.91
CA PHE B 340 -5.65 -3.46 -31.72
C PHE B 340 -6.66 -2.40 -32.15
N PRO B 341 -6.98 -2.34 -33.44
CA PRO B 341 -7.92 -1.36 -33.98
C PRO B 341 -9.38 -1.55 -33.61
N ALA B 342 -10.10 -0.43 -33.44
CA ALA B 342 -11.52 -0.45 -33.14
C ALA B 342 -12.22 -0.66 -34.50
N LEU B 343 -13.41 -1.24 -34.48
CA LEU B 343 -14.14 -1.50 -35.71
C LEU B 343 -14.35 -0.30 -36.63
N GLN B 344 -14.64 0.88 -36.07
CA GLN B 344 -14.86 2.05 -36.90
C GLN B 344 -13.59 2.72 -37.39
N GLY B 345 -12.44 2.09 -37.16
CA GLY B 345 -11.20 2.68 -37.63
C GLY B 345 -10.06 2.68 -36.64
N ALA B 346 -8.84 2.55 -37.16
CA ALA B 346 -7.65 2.57 -36.34
C ALA B 346 -7.46 4.01 -35.88
N GLN B 347 -8.29 4.89 -36.43
CA GLN B 347 -8.26 6.31 -36.09
C GLN B 347 -8.77 6.45 -34.66
N THR B 348 -9.97 5.92 -34.44
CA THR B 348 -10.63 5.96 -33.13
C THR B 348 -10.08 4.92 -32.15
N LYS B 349 -10.51 5.01 -30.90
CA LYS B 349 -10.09 4.09 -29.85
C LYS B 349 -11.23 3.15 -29.48
N MET B 350 -10.89 1.92 -29.14
CA MET B 350 -11.91 0.94 -28.77
C MET B 350 -12.59 1.31 -27.47
N SER B 351 -13.12 0.30 -26.79
CA SER B 351 -13.79 0.49 -25.51
C SER B 351 -14.65 -0.73 -25.20
N ALA B 352 -14.48 -1.28 -24.01
CA ALA B 352 -15.27 -2.44 -23.60
C ALA B 352 -16.69 -1.95 -23.38
N SER B 353 -16.88 -0.64 -23.57
CA SER B 353 -18.18 0.00 -23.40
C SER B 353 -19.11 -0.36 -24.55
N ASP B 354 -18.98 0.36 -25.67
CA ASP B 354 -19.80 0.12 -26.85
C ASP B 354 -19.50 -1.21 -27.51
N PRO B 355 -20.46 -2.15 -27.46
CA PRO B 355 -20.29 -3.48 -28.05
C PRO B 355 -20.03 -3.44 -29.55
N ASN B 356 -20.13 -2.27 -30.15
CA ASN B 356 -19.87 -2.12 -31.57
C ASN B 356 -18.48 -1.55 -31.80
N SER B 357 -17.67 -1.57 -30.73
CA SER B 357 -16.31 -1.08 -30.75
C SER B 357 -15.41 -2.18 -31.31
N SER B 358 -15.78 -3.42 -31.02
CA SER B 358 -15.05 -4.58 -31.54
C SER B 358 -15.87 -5.84 -31.30
N ILE B 359 -15.27 -6.99 -31.57
CA ILE B 359 -15.94 -8.27 -31.39
C ILE B 359 -15.67 -8.79 -29.99
N PHE B 360 -16.73 -8.86 -29.18
CA PHE B 360 -16.61 -9.34 -27.81
C PHE B 360 -16.64 -10.85 -27.70
N LEU B 361 -15.93 -11.37 -26.71
CA LEU B 361 -15.82 -12.80 -26.50
C LEU B 361 -17.12 -13.54 -26.21
N THR B 362 -18.22 -12.81 -26.04
CA THR B 362 -19.50 -13.47 -25.78
C THR B 362 -20.44 -13.38 -26.97
N ASP B 363 -20.00 -12.67 -28.01
CA ASP B 363 -20.81 -12.51 -29.22
C ASP B 363 -21.17 -13.84 -29.85
N THR B 364 -22.34 -13.88 -30.47
CA THR B 364 -22.82 -15.08 -31.16
C THR B 364 -22.37 -15.05 -32.61
N ALA B 365 -22.46 -16.18 -33.28
CA ALA B 365 -22.07 -16.27 -34.68
C ALA B 365 -22.74 -15.15 -35.48
N LYS B 366 -24.03 -14.97 -35.25
CA LYS B 366 -24.81 -13.95 -35.94
C LYS B 366 -24.32 -12.54 -35.64
N GLN B 367 -24.01 -12.26 -34.37
CA GLN B 367 -23.54 -10.95 -33.96
C GLN B 367 -22.20 -10.54 -34.59
N ILE B 368 -21.33 -11.52 -34.80
CA ILE B 368 -20.02 -11.28 -35.39
C ILE B 368 -20.20 -10.87 -36.85
N LYS B 369 -21.07 -11.60 -37.54
CA LYS B 369 -21.36 -11.30 -38.94
C LYS B 369 -21.92 -9.89 -39.06
N THR B 370 -22.88 -9.58 -38.20
CA THR B 370 -23.52 -8.27 -38.19
C THR B 370 -22.50 -7.16 -37.95
N LYS B 371 -21.72 -7.31 -36.87
CA LYS B 371 -20.71 -6.32 -36.53
C LYS B 371 -19.73 -6.02 -37.66
N VAL B 372 -19.14 -7.07 -38.23
CA VAL B 372 -18.18 -6.87 -39.29
C VAL B 372 -18.79 -6.16 -40.49
N ASN B 373 -19.89 -6.70 -40.99
CA ASN B 373 -20.57 -6.10 -42.14
C ASN B 373 -21.00 -4.66 -41.89
N LYS B 374 -21.72 -4.45 -40.80
CA LYS B 374 -22.22 -3.12 -40.48
C LYS B 374 -21.19 -2.13 -39.93
N HIS B 375 -20.25 -2.60 -39.12
CA HIS B 375 -19.30 -1.67 -38.51
C HIS B 375 -17.83 -1.67 -38.88
N ALA B 376 -17.33 -2.72 -39.51
CA ALA B 376 -15.92 -2.75 -39.87
C ALA B 376 -15.57 -1.67 -40.91
N PHE B 377 -14.84 -0.65 -40.48
CA PHE B 377 -14.46 0.44 -41.37
C PHE B 377 -13.82 -0.13 -42.64
N SER B 378 -14.24 0.37 -43.80
CA SER B 378 -13.74 -0.13 -45.07
C SER B 378 -12.66 0.67 -45.76
N GLY B 379 -11.67 -0.06 -46.28
CA GLY B 379 -10.59 0.56 -47.02
C GLY B 379 -10.92 0.44 -48.49
N GLY B 380 -12.13 -0.04 -48.79
CA GLY B 380 -12.56 -0.17 -50.17
C GLY B 380 -12.90 1.20 -50.73
N ARG B 381 -13.02 1.29 -52.04
CA ARG B 381 -13.34 2.56 -52.69
C ARG B 381 -14.82 2.91 -52.55
N ASP B 382 -15.16 4.19 -52.75
CA ASP B 382 -16.54 4.64 -52.63
C ASP B 382 -17.48 3.88 -53.55
N THR B 383 -17.01 3.53 -54.74
CA THR B 383 -17.85 2.80 -55.69
C THR B 383 -17.14 1.56 -56.24
N ILE B 384 -17.92 0.64 -56.78
CA ILE B 384 -17.38 -0.59 -57.34
C ILE B 384 -16.51 -0.34 -58.55
N GLU B 385 -16.82 0.72 -59.29
CA GLU B 385 -16.04 1.07 -60.48
C GLU B 385 -14.66 1.55 -60.05
N GLU B 386 -14.63 2.43 -59.06
CA GLU B 386 -13.37 2.95 -58.54
C GLU B 386 -12.54 1.81 -57.97
N HIS B 387 -13.22 0.88 -57.32
CA HIS B 387 -12.56 -0.25 -56.70
C HIS B 387 -11.89 -1.15 -57.71
N ARG B 388 -12.57 -1.43 -58.81
CA ARG B 388 -12.01 -2.29 -59.84
C ARG B 388 -10.80 -1.70 -60.55
N GLN B 389 -10.75 -0.37 -60.64
CA GLN B 389 -9.64 0.30 -61.31
C GLN B 389 -8.49 0.68 -60.38
N PHE B 390 -8.84 1.23 -59.21
CA PHE B 390 -7.82 1.67 -58.26
C PHE B 390 -7.62 0.78 -57.03
N GLY B 391 -8.47 -0.23 -56.87
CA GLY B 391 -8.35 -1.16 -55.77
C GLY B 391 -8.54 -0.70 -54.34
N GLY B 392 -8.60 -1.66 -53.42
CA GLY B 392 -8.79 -1.34 -52.01
C GLY B 392 -7.48 -1.03 -51.29
N ASN B 393 -7.59 -0.47 -50.09
CA ASN B 393 -6.42 -0.12 -49.30
C ASN B 393 -6.40 -0.87 -47.97
N CYS B 394 -5.51 -1.85 -47.90
CA CYS B 394 -5.38 -2.70 -46.71
C CYS B 394 -4.84 -2.02 -45.46
N ASP B 395 -4.09 -0.94 -45.65
CA ASP B 395 -3.51 -0.24 -44.51
C ASP B 395 -4.54 0.47 -43.63
N VAL B 396 -5.73 0.74 -44.15
CA VAL B 396 -6.76 1.41 -43.36
C VAL B 396 -7.99 0.53 -43.15
N ASP B 397 -8.08 -0.57 -43.90
CA ASP B 397 -9.23 -1.47 -43.79
C ASP B 397 -9.17 -2.32 -42.53
N VAL B 398 -10.08 -2.05 -41.59
CA VAL B 398 -10.12 -2.76 -40.33
C VAL B 398 -10.33 -4.27 -40.46
N SER B 399 -11.17 -4.71 -41.38
CA SER B 399 -11.38 -6.16 -41.53
C SER B 399 -10.05 -6.82 -41.90
N PHE B 400 -9.27 -6.17 -42.76
CA PHE B 400 -7.99 -6.74 -43.14
C PHE B 400 -7.02 -6.73 -41.96
N MET B 401 -7.01 -5.64 -41.21
CA MET B 401 -6.15 -5.55 -40.04
C MET B 401 -6.49 -6.72 -39.13
N TYR B 402 -7.79 -6.97 -38.95
CA TYR B 402 -8.24 -8.10 -38.14
C TYR B 402 -7.61 -9.41 -38.64
N LEU B 403 -7.62 -9.60 -39.95
CA LEU B 403 -7.06 -10.81 -40.53
C LEU B 403 -5.58 -10.98 -40.21
N THR B 404 -4.81 -9.90 -40.19
CA THR B 404 -3.38 -10.01 -39.91
C THR B 404 -3.15 -10.58 -38.50
N PHE B 405 -4.12 -10.35 -37.61
CA PHE B 405 -4.03 -10.85 -36.23
C PHE B 405 -4.52 -12.29 -36.10
N PHE B 406 -5.50 -12.69 -36.90
CA PHE B 406 -6.07 -14.02 -36.75
C PHE B 406 -6.00 -15.05 -37.86
N LEU B 407 -5.55 -14.65 -39.05
CA LEU B 407 -5.45 -15.60 -40.15
C LEU B 407 -4.06 -16.20 -40.09
N GLU B 408 -3.99 -17.46 -39.65
CA GLU B 408 -2.72 -18.18 -39.52
C GLU B 408 -1.91 -18.23 -40.82
N ASP B 409 -2.50 -18.87 -41.83
CA ASP B 409 -1.86 -19.06 -43.13
C ASP B 409 -1.37 -17.79 -43.83
N ASP B 410 -0.05 -17.67 -43.95
CA ASP B 410 0.57 -16.52 -44.57
C ASP B 410 0.19 -16.33 -46.04
N ASP B 411 0.27 -17.41 -46.81
CA ASP B 411 -0.05 -17.32 -48.23
C ASP B 411 -1.50 -16.90 -48.44
N LYS B 412 -2.40 -17.45 -47.64
CA LYS B 412 -3.82 -17.12 -47.73
C LYS B 412 -4.01 -15.62 -47.44
N LEU B 413 -3.34 -15.13 -46.41
CA LEU B 413 -3.42 -13.72 -46.04
C LEU B 413 -2.90 -12.83 -47.18
N GLU B 414 -1.78 -13.21 -47.78
CA GLU B 414 -1.18 -12.44 -48.87
C GLU B 414 -2.08 -12.44 -50.10
N GLN B 415 -2.78 -13.55 -50.31
CA GLN B 415 -3.68 -13.67 -51.45
C GLN B 415 -4.82 -12.67 -51.30
N ILE B 416 -5.40 -12.61 -50.11
CA ILE B 416 -6.49 -11.69 -49.83
C ILE B 416 -5.98 -10.25 -49.96
N ARG B 417 -4.77 -10.00 -49.46
CA ARG B 417 -4.18 -8.67 -49.53
C ARG B 417 -3.98 -8.24 -51.00
N LYS B 418 -3.37 -9.11 -51.79
CA LYS B 418 -3.11 -8.84 -53.21
C LYS B 418 -4.42 -8.57 -53.96
N ASP B 419 -5.39 -9.44 -53.77
CA ASP B 419 -6.68 -9.34 -54.45
C ASP B 419 -7.51 -8.13 -54.04
N TYR B 420 -7.42 -7.72 -52.79
CA TYR B 420 -8.19 -6.58 -52.35
C TYR B 420 -7.51 -5.32 -52.90
N THR B 421 -6.18 -5.28 -52.85
CA THR B 421 -5.46 -4.12 -53.36
C THR B 421 -5.64 -3.96 -54.86
N SER B 422 -5.63 -5.08 -55.58
CA SER B 422 -5.80 -5.07 -57.03
C SER B 422 -7.25 -4.77 -57.39
N GLY B 423 -8.14 -4.85 -56.40
CA GLY B 423 -9.53 -4.57 -56.66
C GLY B 423 -10.31 -5.79 -57.09
N ALA B 424 -9.62 -6.89 -57.34
CA ALA B 424 -10.27 -8.13 -57.76
C ALA B 424 -11.26 -8.56 -56.68
N MET B 425 -10.92 -8.25 -55.43
CA MET B 425 -11.78 -8.59 -54.30
C MET B 425 -12.51 -7.35 -53.76
N LEU B 426 -13.84 -7.44 -53.67
CA LEU B 426 -14.65 -6.35 -53.15
C LEU B 426 -14.62 -6.44 -51.64
N THR B 427 -14.91 -5.33 -50.95
CA THR B 427 -14.87 -5.37 -49.50
C THR B 427 -15.89 -6.35 -48.91
N GLY B 428 -16.97 -6.61 -49.65
CA GLY B 428 -17.97 -7.54 -49.16
C GLY B 428 -17.39 -8.93 -49.05
N GLU B 429 -16.57 -9.30 -50.02
CA GLU B 429 -15.93 -10.61 -50.06
C GLU B 429 -14.88 -10.69 -48.95
N LEU B 430 -14.17 -9.58 -48.77
CA LEU B 430 -13.15 -9.50 -47.73
C LEU B 430 -13.85 -9.74 -46.39
N LYS B 431 -14.92 -8.98 -46.16
CA LYS B 431 -15.70 -9.10 -44.93
C LYS B 431 -16.03 -10.57 -44.66
N LYS B 432 -16.55 -11.24 -45.68
CA LYS B 432 -16.91 -12.65 -45.59
C LYS B 432 -15.73 -13.49 -45.10
N ALA B 433 -14.54 -13.20 -45.60
CA ALA B 433 -13.34 -13.92 -45.21
C ALA B 433 -13.09 -13.80 -43.70
N LEU B 434 -13.09 -12.57 -43.20
CA LEU B 434 -12.86 -12.34 -41.77
C LEU B 434 -13.91 -13.05 -40.92
N ILE B 435 -15.17 -12.95 -41.32
CA ILE B 435 -16.23 -13.60 -40.56
C ILE B 435 -16.03 -15.10 -40.45
N GLU B 436 -15.56 -15.72 -41.53
CA GLU B 436 -15.32 -17.16 -41.51
C GLU B 436 -14.16 -17.49 -40.58
N VAL B 437 -13.28 -16.52 -40.34
CA VAL B 437 -12.15 -16.72 -39.46
C VAL B 437 -12.55 -16.48 -38.00
N LEU B 438 -13.28 -15.40 -37.74
CA LEU B 438 -13.72 -15.04 -36.39
C LEU B 438 -14.70 -15.99 -35.69
N GLN B 439 -15.79 -16.33 -36.36
CA GLN B 439 -16.79 -17.21 -35.74
C GLN B 439 -16.19 -18.45 -35.10
N PRO B 440 -15.36 -19.19 -35.84
CA PRO B 440 -14.79 -20.39 -35.20
C PRO B 440 -13.89 -20.04 -34.01
N LEU B 441 -13.18 -18.91 -34.12
CA LEU B 441 -12.28 -18.46 -33.06
C LEU B 441 -13.03 -18.12 -31.77
N ILE B 442 -14.12 -17.36 -31.89
CA ILE B 442 -14.89 -16.99 -30.70
C ILE B 442 -15.60 -18.23 -30.16
N ALA B 443 -16.16 -19.02 -31.06
CA ALA B 443 -16.84 -20.24 -30.68
C ALA B 443 -15.90 -21.09 -29.84
N GLU B 444 -14.72 -21.37 -30.38
CA GLU B 444 -13.72 -22.20 -29.70
C GLU B 444 -13.41 -21.64 -28.31
N HIS B 445 -13.21 -20.33 -28.24
CA HIS B 445 -12.90 -19.70 -26.96
C HIS B 445 -14.04 -19.84 -25.96
N GLN B 446 -15.28 -19.66 -26.44
CA GLN B 446 -16.44 -19.77 -25.56
C GLN B 446 -16.57 -21.19 -25.03
N ALA B 447 -16.22 -22.17 -25.86
CA ALA B 447 -16.31 -23.57 -25.47
C ALA B 447 -15.26 -23.95 -24.43
N ARG B 448 -14.03 -23.46 -24.61
CA ARG B 448 -12.96 -23.75 -23.66
C ARG B 448 -13.21 -22.99 -22.36
N ARG B 449 -13.83 -21.83 -22.47
CA ARG B 449 -14.12 -21.04 -21.30
C ARG B 449 -15.12 -21.79 -20.43
N LYS B 450 -16.07 -22.46 -21.06
CA LYS B 450 -17.07 -23.20 -20.31
C LYS B 450 -16.41 -24.34 -19.55
N GLU B 451 -15.28 -24.81 -20.06
CA GLU B 451 -14.52 -25.88 -19.44
C GLU B 451 -13.80 -25.42 -18.16
N VAL B 452 -13.66 -24.12 -17.98
CA VAL B 452 -12.98 -23.61 -16.80
C VAL B 452 -13.87 -23.64 -15.57
N THR B 453 -13.65 -24.64 -14.71
CA THR B 453 -14.42 -24.81 -13.49
C THR B 453 -13.94 -23.89 -12.38
N ASP B 454 -14.80 -23.67 -11.39
CA ASP B 454 -14.46 -22.84 -10.25
C ASP B 454 -13.15 -23.29 -9.62
N GLU B 455 -13.00 -24.58 -9.43
CA GLU B 455 -11.80 -25.15 -8.83
C GLU B 455 -10.56 -24.83 -9.64
N ILE B 456 -10.68 -24.91 -10.96
CA ILE B 456 -9.56 -24.62 -11.84
C ILE B 456 -9.10 -23.18 -11.65
N VAL B 457 -10.05 -22.25 -11.67
CA VAL B 457 -9.72 -20.85 -11.49
C VAL B 457 -9.01 -20.67 -10.17
N LYS B 458 -9.51 -21.34 -9.14
CA LYS B 458 -8.92 -21.24 -7.81
C LYS B 458 -7.49 -21.75 -7.77
N GLU B 459 -7.23 -22.89 -8.40
CA GLU B 459 -5.88 -23.42 -8.39
C GLU B 459 -4.91 -22.46 -9.07
N PHE B 460 -5.34 -21.88 -10.19
CA PHE B 460 -4.53 -20.92 -10.94
C PHE B 460 -4.23 -19.70 -10.08
N MET B 461 -5.17 -19.32 -9.22
CA MET B 461 -5.00 -18.15 -8.38
C MET B 461 -4.45 -18.44 -7.00
N THR B 462 -4.16 -19.70 -6.73
CA THR B 462 -3.60 -20.09 -5.45
C THR B 462 -2.09 -19.98 -5.50
N PRO B 463 -1.51 -19.13 -4.64
CA PRO B 463 -0.05 -19.03 -4.67
C PRO B 463 0.54 -20.39 -4.35
N ARG B 464 1.46 -20.85 -5.19
CA ARG B 464 2.07 -22.16 -5.01
C ARG B 464 3.36 -22.27 -5.78
N LYS B 465 4.08 -23.35 -5.54
CA LYS B 465 5.31 -23.59 -6.26
C LYS B 465 4.82 -24.06 -7.64
N LEU B 466 5.51 -23.64 -8.69
CA LEU B 466 5.13 -24.07 -10.03
C LEU B 466 6.06 -25.22 -10.42
N SER B 467 5.83 -25.81 -11.59
CA SER B 467 6.64 -26.93 -12.04
C SER B 467 8.01 -26.55 -12.58
N PHE B 468 8.74 -25.76 -11.81
CA PHE B 468 10.09 -25.34 -12.16
C PHE B 468 10.86 -25.28 -10.86
N ASP B 469 12.12 -25.69 -10.88
CA ASP B 469 12.91 -25.67 -9.67
C ASP B 469 13.92 -24.54 -9.69
N PHE B 470 14.01 -23.83 -8.59
CA PHE B 470 14.96 -22.74 -8.46
C PHE B 470 15.74 -22.93 -7.18
N GLN B 471 17.06 -22.89 -7.31
CA GLN B 471 17.94 -23.09 -6.18
C GLN B 471 18.56 -21.79 -5.72
N HIS B 472 18.69 -21.66 -4.41
CA HIS B 472 19.24 -20.47 -3.81
C HIS B 472 19.97 -20.87 -2.53
N HIS B 473 21.30 -20.87 -2.58
CA HIS B 473 22.10 -21.25 -1.42
C HIS B 473 22.87 -20.08 -0.83
N HIS B 474 23.08 -20.14 0.48
CA HIS B 474 23.81 -19.12 1.23
C HIS B 474 23.93 -19.59 2.67
N HIS B 475 24.43 -18.72 3.55
CA HIS B 475 24.58 -19.03 4.97
C HIS B 475 24.20 -17.87 5.86
MG MG C . 10.50 9.59 13.54
NH3 LTN D . 2.75 7.15 12.87
CA LTN D . 3.07 7.28 14.33
CB LTN D . 2.84 5.91 15.00
CG LTN D . 1.40 5.44 14.95
CD2 LTN D . 0.48 5.73 15.91
CE2 LTN D . -0.69 5.05 15.40
CE3 LTN D . 0.43 6.48 17.14
CD1 LTN D . 0.88 4.65 13.96
NE1 LTN D . -0.38 4.45 14.28
CZ2 LTN D . -1.94 5.11 16.14
CZ3 LTN D . -0.80 6.54 17.86
CH2 LTN D . -1.98 5.86 17.37
C LTN D . 4.52 7.66 14.50
O LTN D . 5.34 7.82 13.40
N LTN D . 5.01 7.84 15.60
PG ATP E . 12.10 7.65 18.08
O1G ATP E . 10.69 7.33 17.78
O2G ATP E . 12.66 6.90 19.39
O3G ATP E . 13.10 7.24 16.89
PB ATP E . 11.96 10.31 17.17
O1B ATP E . 12.17 9.70 15.85
O2B ATP E . 12.67 11.57 17.49
O3B ATP E . 12.34 9.23 18.31
PA ATP E . 9.63 11.74 16.67
O1A ATP E . 10.14 13.00 17.25
O2A ATP E . 9.75 11.55 15.20
O3A ATP E . 10.38 10.52 17.39
O5' ATP E . 8.10 11.53 17.13
C5' ATP E . 7.32 10.45 16.60
C4' ATP E . 6.07 10.21 17.43
O4' ATP E . 6.47 10.11 18.81
C3' ATP E . 5.16 11.45 17.36
O3' ATP E . 3.83 11.10 17.76
C2' ATP E . 5.80 12.31 18.45
O2' ATP E . 4.87 13.31 18.89
C1' ATP E . 5.87 11.20 19.52
N9 ATP E . 6.70 11.66 20.66
C8 ATP E . 8.03 11.54 20.77
N7 ATP E . 8.43 12.10 21.91
C5 ATP E . 7.36 12.59 22.53
C6 ATP E . 7.15 13.28 23.72
N6 ATP E . 8.19 13.59 24.50
N1 ATP E . 5.91 13.63 24.05
C2 ATP E . 4.88 13.35 23.28
N3 ATP E . 5.03 12.70 22.14
C4 ATP E . 6.25 12.31 21.73
NH3 LTN F . -2.70 -1.94 -16.02
CA LTN F . -3.09 -2.79 -17.19
CB LTN F . -3.01 -4.29 -16.80
CG LTN F . -1.62 -4.77 -16.40
CD2 LTN F . -0.66 -5.13 -17.29
CE2 LTN F . 0.42 -5.50 -16.41
CE3 LTN F . -0.52 -5.21 -18.72
CD1 LTN F . -1.20 -4.89 -15.11
NE1 LTN F . 0.04 -5.33 -15.16
CZ2 LTN F . 1.68 -5.96 -16.97
CZ3 LTN F . 0.73 -5.68 -19.27
CH2 LTN F . 1.83 -6.05 -18.41
C LTN F . -4.53 -2.52 -17.58
O LTN F . -5.30 -1.59 -16.89
N LTN F . -5.04 -3.08 -18.53
#